data_6IB8
#
_entry.id   6IB8
#
_cell.length_a   64.270
_cell.length_b   95.540
_cell.length_c   104.542
_cell.angle_alpha   90.00
_cell.angle_beta   90.00
_cell.angle_gamma   90.00
#
_symmetry.space_group_name_H-M   'P 21 21 21'
#
loop_
_entity.id
_entity.type
_entity.pdbx_description
1 polymer Inositol-1-monophosphatase
2 polymer 'Transcription termination/antitermination protein NusA'
3 non-polymer GLYCEROL
4 non-polymer 'MAGNESIUM ION'
5 non-polymer 2-{2-[2-(2-{2-[2-(2-ETHOXY-ETHOXY)-ETHOXY]-ETHOXY}-ETHOXY)-ETHOXY]-ETHOXY}-ETHANOL
6 water water
#
loop_
_entity_poly.entity_id
_entity_poly.type
_entity_poly.pdbx_seq_one_letter_code
_entity_poly.pdbx_strand_id
1 'polypeptide(L)'
;GAMAMHPMLNIAVRAARKAGNLIAKNYETPDAVEASQKGSNDFVTNVDKAAEAVIIDTIRKSYPQHTIITEESGELEGTD
QDVQWVIDPLDGTTNFIKRLPHFAVSIAVRIKGRTEVAVVYDPMRNELFTATRGQGAQLNGYRLRGSTARDLDGTILATG
FPFKAKQYATTYINIVGKLFNECADFRRTGSAALDLAYVAAGRVDGFFEIGLRPWDFAAGELLVREAGGIVSDFTGGHNY
MLTGNIVAGNPRVVKAMLANMRDELSDALKR
;
A,B
2 'polypeptide(L)' GAMDNKPADDLLNLEGVDRDLAFKLAARGVCTLEDLAEQGIDDLADIEGLTDEKAGALIMAARNICWFGDEA C
#
loop_
_chem_comp.id
_chem_comp.type
_chem_comp.name
_chem_comp.formula
GOL non-polymer GLYCEROL 'C3 H8 O3'
MG non-polymer 'MAGNESIUM ION' 'Mg 2'
PE4 non-polymer 2-{2-[2-(2-{2-[2-(2-ETHOXY-ETHOXY)-ETHOXY]-ETHOXY}-ETHOXY)-ETHOXY]-ETHOXY}-ETHANOL 'C16 H34 O8'
#
# COMPACT_ATOMS: atom_id res chain seq x y z
N MET A 5 2.72 -12.11 25.68
CA MET A 5 2.52 -12.93 26.84
C MET A 5 1.13 -13.53 26.93
N HIS A 6 0.13 -13.07 26.18
CA HIS A 6 -1.16 -13.72 26.21
C HIS A 6 -0.84 -15.09 25.59
N PRO A 7 -1.33 -16.19 26.26
CA PRO A 7 -1.04 -17.49 25.65
C PRO A 7 -1.64 -17.70 24.27
N MET A 8 -2.81 -17.17 24.02
CA MET A 8 -3.45 -17.29 22.74
C MET A 8 -2.64 -16.52 21.67
N LEU A 9 -2.07 -15.39 22.06
CA LEU A 9 -1.25 -14.63 21.16
C LEU A 9 -0.05 -15.46 20.75
N ASN A 10 0.52 -16.17 21.68
CA ASN A 10 1.67 -17.00 21.43
C ASN A 10 1.36 -18.06 20.37
N ILE A 11 0.20 -18.67 20.48
CA ILE A 11 -0.23 -19.66 19.53
C ILE A 11 -0.58 -19.05 18.13
N ALA A 12 -1.20 -17.88 18.13
CA ALA A 12 -1.55 -17.19 16.90
C ALA A 12 -0.26 -16.85 16.13
N VAL A 13 0.75 -16.38 16.84
CA VAL A 13 2.02 -16.07 16.19
C VAL A 13 2.67 -17.30 15.62
N ARG A 14 2.67 -18.37 16.40
CA ARG A 14 3.27 -19.62 15.95
C ARG A 14 2.60 -20.12 14.67
N ALA A 15 1.28 -20.10 14.64
CA ALA A 15 0.56 -20.56 13.46
C ALA A 15 0.85 -19.65 12.25
N ALA A 16 0.90 -18.33 12.47
CA ALA A 16 1.15 -17.40 11.36
C ALA A 16 2.53 -17.60 10.75
N ARG A 17 3.55 -17.81 11.60
CA ARG A 17 4.92 -18.00 11.12
C ARG A 17 5.11 -19.33 10.40
N LYS A 18 4.48 -20.41 10.90
CA LYS A 18 4.57 -21.68 10.17
C LYS A 18 3.90 -21.59 8.79
N ALA A 19 2.71 -20.99 8.71
CA ALA A 19 2.08 -20.81 7.39
C ALA A 19 2.91 -19.89 6.49
N GLY A 20 3.49 -18.84 7.07
CA GLY A 20 4.32 -17.93 6.27
C GLY A 20 5.53 -18.62 5.68
N ASN A 21 6.18 -19.49 6.46
N ASN A 21 6.16 -19.52 6.45
CA ASN A 21 7.31 -20.27 5.95
CA ASN A 21 7.32 -20.24 5.92
C ASN A 21 6.90 -21.07 4.72
C ASN A 21 6.93 -21.10 4.73
N LEU A 22 5.77 -21.76 4.80
CA LEU A 22 5.29 -22.55 3.66
C LEU A 22 5.00 -21.68 2.44
N ILE A 23 4.33 -20.54 2.65
CA ILE A 23 4.05 -19.63 1.54
C ILE A 23 5.34 -19.18 0.86
N ALA A 24 6.32 -18.77 1.66
CA ALA A 24 7.58 -18.29 1.11
C ALA A 24 8.33 -19.39 0.34
N LYS A 25 8.21 -20.64 0.75
CA LYS A 25 8.79 -21.73 -0.05
C LYS A 25 8.07 -21.92 -1.38
N ASN A 26 6.73 -21.83 -1.39
CA ASN A 26 6.06 -21.90 -2.68
C ASN A 26 6.32 -20.67 -3.55
N TYR A 27 6.65 -19.52 -2.96
CA TYR A 27 6.95 -18.33 -3.76
C TYR A 27 8.21 -18.58 -4.62
N GLU A 28 9.12 -19.41 -4.11
CA GLU A 28 10.33 -19.74 -4.85
C GLU A 28 10.12 -20.72 -6.02
N THR A 29 8.91 -21.32 -6.18
CA THR A 29 8.68 -22.25 -7.29
C THR A 29 8.22 -21.53 -8.55
N PRO A 30 8.40 -22.14 -9.73
CA PRO A 30 8.04 -21.46 -10.99
C PRO A 30 6.58 -21.03 -11.06
N ASP A 31 6.35 -19.80 -11.49
CA ASP A 31 5.00 -19.24 -11.57
C ASP A 31 4.31 -19.70 -12.86
N ALA A 32 3.07 -19.25 -13.06
CA ALA A 32 2.27 -19.69 -14.21
C ALA A 32 2.88 -19.23 -15.54
N VAL A 33 3.44 -18.02 -15.59
CA VAL A 33 4.05 -17.52 -16.82
C VAL A 33 5.27 -18.36 -17.18
N GLU A 34 6.17 -18.58 -16.20
CA GLU A 34 7.36 -19.39 -16.45
C GLU A 34 6.98 -20.81 -16.83
N ALA A 35 6.06 -21.43 -16.09
CA ALA A 35 5.63 -22.78 -16.43
C ALA A 35 4.90 -22.82 -17.76
N SER A 36 4.23 -21.71 -18.12
CA SER A 36 3.55 -21.56 -19.40
C SER A 36 2.51 -22.65 -19.62
N PHE A 43 -1.26 -26.96 -12.40
CA PHE A 43 -0.90 -26.68 -11.02
C PHE A 43 -1.93 -27.33 -10.06
N VAL A 44 -1.44 -28.15 -9.13
CA VAL A 44 -2.32 -28.92 -8.25
C VAL A 44 -2.25 -28.49 -6.80
N THR A 45 -1.26 -27.68 -6.39
CA THR A 45 -1.09 -27.38 -4.97
C THR A 45 -1.72 -26.02 -4.69
N ASN A 46 -2.86 -26.06 -4.00
CA ASN A 46 -3.52 -24.87 -3.50
C ASN A 46 -2.72 -24.35 -2.30
N VAL A 47 -1.94 -23.27 -2.53
CA VAL A 47 -1.10 -22.72 -1.48
C VAL A 47 -1.94 -22.17 -0.33
N ASP A 48 -3.06 -21.48 -0.66
CA ASP A 48 -3.97 -21.02 0.39
C ASP A 48 -4.43 -22.19 1.27
N LYS A 49 -4.77 -23.31 0.64
CA LYS A 49 -5.33 -24.46 1.37
C LYS A 49 -4.29 -25.17 2.21
N ALA A 50 -3.07 -25.30 1.69
CA ALA A 50 -1.99 -25.89 2.47
C ALA A 50 -1.60 -24.98 3.64
N ALA A 51 -1.55 -23.66 3.44
CA ALA A 51 -1.35 -22.75 4.57
C ALA A 51 -2.49 -22.86 5.58
N GLU A 52 -3.74 -22.91 5.10
CA GLU A 52 -4.89 -23.06 6.00
C GLU A 52 -4.74 -24.30 6.86
N ALA A 53 -4.26 -25.41 6.27
CA ALA A 53 -4.15 -26.66 7.01
C ALA A 53 -3.12 -26.57 8.13
N VAL A 54 -1.98 -25.93 7.85
CA VAL A 54 -0.96 -25.72 8.88
C VAL A 54 -1.51 -24.90 10.03
N ILE A 55 -2.30 -23.86 9.73
CA ILE A 55 -2.85 -23.00 10.79
C ILE A 55 -3.85 -23.78 11.66
N ILE A 56 -4.76 -24.50 11.02
CA ILE A 56 -5.79 -25.25 11.77
C ILE A 56 -5.15 -26.34 12.64
N ASP A 57 -4.14 -27.03 12.11
CA ASP A 57 -3.40 -28.03 12.88
CA ASP A 57 -3.41 -28.03 12.89
C ASP A 57 -2.77 -27.41 14.13
N THR A 58 -2.09 -26.26 13.96
CA THR A 58 -1.44 -25.61 15.10
C THR A 58 -2.45 -25.17 16.16
N ILE A 59 -3.59 -24.60 15.73
CA ILE A 59 -4.60 -24.19 16.70
C ILE A 59 -5.16 -25.40 17.46
N ARG A 60 -5.54 -26.44 16.73
CA ARG A 60 -6.24 -27.58 17.34
C ARG A 60 -5.36 -28.38 18.28
N LYS A 61 -4.05 -28.38 18.05
CA LYS A 61 -3.14 -29.06 18.96
C LYS A 61 -3.05 -28.39 20.33
N SER A 62 -3.39 -27.08 20.42
CA SER A 62 -3.44 -26.38 21.71
C SER A 62 -4.85 -26.19 22.24
N TYR A 63 -5.82 -25.96 21.36
CA TYR A 63 -7.19 -25.59 21.74
C TYR A 63 -8.19 -26.38 20.88
N PRO A 64 -8.33 -27.68 21.14
CA PRO A 64 -9.19 -28.51 20.26
C PRO A 64 -10.69 -28.17 20.31
N GLN A 65 -11.17 -27.39 21.29
CA GLN A 65 -12.58 -27.09 21.49
CA GLN A 65 -12.61 -27.15 21.38
C GLN A 65 -13.04 -25.84 20.73
N HIS A 66 -12.12 -25.02 20.24
CA HIS A 66 -12.48 -23.70 19.73
C HIS A 66 -13.05 -23.78 18.32
N THR A 67 -13.92 -22.83 18.00
CA THR A 67 -14.43 -22.65 16.64
C THR A 67 -13.40 -21.95 15.76
N ILE A 68 -13.33 -22.35 14.49
CA ILE A 68 -12.43 -21.75 13.50
C ILE A 68 -13.25 -21.36 12.26
N ILE A 69 -13.06 -20.12 11.76
CA ILE A 69 -13.80 -19.62 10.57
C ILE A 69 -12.78 -19.15 9.52
N THR A 70 -12.84 -19.71 8.31
CA THR A 70 -11.95 -19.28 7.19
C THR A 70 -12.73 -19.23 5.87
N GLU A 71 -12.11 -18.61 4.83
N GLU A 71 -12.14 -18.58 4.85
CA GLU A 71 -12.78 -18.50 3.54
CA GLU A 71 -12.82 -18.55 3.55
C GLU A 71 -12.80 -19.82 2.79
C GLU A 71 -12.88 -19.94 2.93
N GLU A 72 -11.74 -20.63 2.88
CA GLU A 72 -11.71 -21.91 2.19
C GLU A 72 -12.65 -22.94 2.80
N SER A 73 -12.96 -22.85 4.10
CA SER A 73 -13.76 -23.91 4.74
C SER A 73 -15.04 -23.44 5.42
N GLY A 74 -15.32 -22.14 5.46
CA GLY A 74 -16.48 -21.67 6.21
C GLY A 74 -16.27 -21.82 7.71
N GLU A 75 -17.37 -22.13 8.43
CA GLU A 75 -17.36 -22.20 9.90
C GLU A 75 -17.16 -23.65 10.33
N LEU A 76 -16.02 -23.94 10.96
CA LEU A 76 -15.79 -25.24 11.57
C LEU A 76 -16.19 -25.12 13.04
N GLU A 77 -17.39 -25.61 13.40
CA GLU A 77 -17.90 -25.40 14.75
C GLU A 77 -17.14 -26.23 15.78
N GLY A 78 -16.74 -25.59 16.90
CA GLY A 78 -16.22 -26.31 18.04
C GLY A 78 -17.27 -26.43 19.14
N THR A 79 -16.96 -27.26 20.15
CA THR A 79 -17.86 -27.39 21.31
C THR A 79 -17.82 -26.16 22.21
N ASP A 80 -16.74 -25.38 22.21
CA ASP A 80 -16.66 -24.08 22.88
C ASP A 80 -16.95 -23.01 21.84
N GLN A 81 -18.22 -22.65 21.71
CA GLN A 81 -18.60 -21.64 20.73
C GLN A 81 -18.31 -20.22 21.20
N ASP A 82 -17.88 -20.05 22.47
CA ASP A 82 -17.51 -18.76 23.01
C ASP A 82 -16.22 -18.20 22.43
N VAL A 83 -15.37 -19.04 21.83
CA VAL A 83 -14.08 -18.60 21.26
C VAL A 83 -14.07 -18.91 19.76
N GLN A 84 -13.76 -17.92 18.91
CA GLN A 84 -13.62 -18.10 17.46
C GLN A 84 -12.28 -17.57 16.96
N TRP A 85 -11.59 -18.38 16.13
CA TRP A 85 -10.39 -17.96 15.38
C TRP A 85 -10.84 -17.57 13.96
N VAL A 86 -10.56 -16.34 13.54
CA VAL A 86 -11.01 -15.81 12.25
C VAL A 86 -9.78 -15.60 11.38
N ILE A 87 -9.66 -16.37 10.28
CA ILE A 87 -8.37 -16.61 9.61
C ILE A 87 -8.44 -16.28 8.13
N ASP A 88 -7.46 -15.49 7.63
CA ASP A 88 -7.16 -15.45 6.20
C ASP A 88 -5.78 -16.08 5.99
N PRO A 89 -5.70 -17.30 5.43
CA PRO A 89 -4.41 -17.97 5.34
C PRO A 89 -3.43 -17.31 4.37
N LEU A 90 -3.93 -16.57 3.38
CA LEU A 90 -3.06 -15.84 2.44
C LEU A 90 -3.89 -14.64 1.95
N ASP A 91 -3.66 -13.47 2.54
CA ASP A 91 -4.29 -12.25 2.06
C ASP A 91 -3.42 -11.61 0.98
N GLY A 92 -3.95 -11.51 -0.24
CA GLY A 92 -3.13 -11.04 -1.37
C GLY A 92 -2.88 -12.12 -2.42
N THR A 93 -3.92 -12.90 -2.76
N THR A 93 -3.90 -12.91 -2.79
CA THR A 93 -3.75 -14.05 -3.64
CA THR A 93 -3.59 -14.07 -3.63
C THR A 93 -3.25 -13.65 -5.03
C THR A 93 -3.26 -13.68 -5.08
N THR A 94 -3.85 -12.59 -5.60
CA THR A 94 -3.43 -12.14 -6.94
C THR A 94 -1.95 -11.74 -6.94
N ASN A 95 -1.52 -10.96 -5.93
CA ASN A 95 -0.08 -10.62 -5.80
C ASN A 95 0.79 -11.88 -5.77
N PHE A 96 0.39 -12.89 -4.97
CA PHE A 96 1.20 -14.12 -4.89
C PHE A 96 1.30 -14.80 -6.27
N ILE A 97 0.16 -14.92 -6.97
CA ILE A 97 0.13 -15.57 -8.29
C ILE A 97 1.05 -14.88 -9.29
N LYS A 98 1.14 -13.55 -9.23
CA LYS A 98 2.03 -12.79 -10.13
C LYS A 98 3.43 -12.57 -9.54
N ARG A 99 3.70 -13.17 -8.38
CA ARG A 99 4.96 -13.05 -7.63
C ARG A 99 5.33 -11.60 -7.30
N LEU A 100 4.31 -10.75 -7.06
CA LEU A 100 4.47 -9.43 -6.44
C LEU A 100 4.54 -9.68 -4.93
N PRO A 101 5.71 -9.43 -4.23
CA PRO A 101 5.96 -9.98 -2.90
C PRO A 101 5.35 -9.19 -1.72
N HIS A 102 4.06 -8.86 -1.84
CA HIS A 102 3.30 -8.12 -0.81
C HIS A 102 2.03 -8.93 -0.49
N PHE A 103 2.08 -9.72 0.59
CA PHE A 103 0.91 -10.52 1.02
C PHE A 103 1.15 -10.94 2.48
N ALA A 104 0.11 -11.49 3.13
CA ALA A 104 0.21 -11.68 4.58
C ALA A 104 -0.71 -12.80 5.08
N VAL A 105 -0.34 -13.36 6.26
N VAL A 105 -0.38 -13.35 6.24
CA VAL A 105 -1.24 -14.25 7.01
CA VAL A 105 -1.29 -14.22 6.97
C VAL A 105 -1.93 -13.38 8.07
C VAL A 105 -1.94 -13.41 8.07
N SER A 106 -3.26 -13.54 8.21
CA SER A 106 -4.05 -12.76 9.18
C SER A 106 -4.79 -13.70 10.13
N ILE A 107 -4.60 -13.53 11.46
CA ILE A 107 -5.30 -14.36 12.45
C ILE A 107 -5.83 -13.47 13.57
N ALA A 108 -7.15 -13.56 13.85
CA ALA A 108 -7.77 -12.83 14.97
C ALA A 108 -8.46 -13.83 15.89
N VAL A 109 -8.45 -13.55 17.20
CA VAL A 109 -9.21 -14.36 18.17
C VAL A 109 -10.29 -13.49 18.80
N ARG A 110 -11.55 -13.95 18.72
CA ARG A 110 -12.71 -13.27 19.28
C ARG A 110 -13.29 -14.10 20.42
N ILE A 111 -13.58 -13.46 21.54
CA ILE A 111 -14.14 -14.15 22.71
C ILE A 111 -15.44 -13.45 23.12
N LYS A 112 -16.53 -14.19 23.12
CA LYS A 112 -17.87 -13.65 23.42
C LYS A 112 -18.14 -12.37 22.62
N GLY A 113 -17.81 -12.42 21.34
CA GLY A 113 -18.14 -11.34 20.43
C GLY A 113 -17.22 -10.15 20.44
N ARG A 114 -16.10 -10.20 21.16
CA ARG A 114 -15.14 -9.10 21.23
C ARG A 114 -13.77 -9.59 20.76
N THR A 115 -13.13 -8.85 19.86
CA THR A 115 -11.81 -9.28 19.40
C THR A 115 -10.75 -9.04 20.47
N GLU A 116 -10.01 -10.10 20.84
CA GLU A 116 -9.05 -9.97 21.94
C GLU A 116 -7.58 -10.03 21.53
N VAL A 117 -7.25 -10.72 20.44
CA VAL A 117 -5.86 -10.94 19.98
C VAL A 117 -5.83 -10.76 18.46
N ALA A 118 -4.74 -10.15 17.94
CA ALA A 118 -4.59 -9.98 16.48
C ALA A 118 -3.16 -10.20 16.01
N VAL A 119 -3.00 -10.87 14.85
N VAL A 119 -2.99 -10.86 14.87
CA VAL A 119 -1.70 -11.07 14.20
CA VAL A 119 -1.67 -10.96 14.23
C VAL A 119 -1.84 -10.81 12.71
C VAL A 119 -1.82 -10.78 12.73
N VAL A 120 -0.96 -9.95 12.15
CA VAL A 120 -0.79 -9.84 10.68
C VAL A 120 0.71 -10.05 10.39
N TYR A 121 1.07 -11.09 9.63
CA TYR A 121 2.48 -11.45 9.40
C TYR A 121 2.84 -11.43 7.92
N ASP A 122 3.82 -10.57 7.55
CA ASP A 122 4.34 -10.45 6.19
C ASP A 122 5.59 -11.34 6.11
N PRO A 123 5.54 -12.49 5.40
CA PRO A 123 6.67 -13.43 5.44
C PRO A 123 7.82 -13.06 4.52
N MET A 124 7.62 -12.14 3.58
CA MET A 124 8.71 -11.76 2.68
C MET A 124 9.58 -10.68 3.30
N ARG A 125 8.99 -9.78 4.09
CA ARG A 125 9.74 -8.78 4.83
C ARG A 125 10.07 -9.20 6.27
N ASN A 126 9.50 -10.31 6.75
CA ASN A 126 9.60 -10.73 8.16
C ASN A 126 9.13 -9.62 9.10
N GLU A 127 7.91 -9.07 8.82
CA GLU A 127 7.30 -8.02 9.64
C GLU A 127 6.09 -8.60 10.37
N LEU A 128 6.18 -8.72 11.71
CA LEU A 128 5.14 -9.30 12.57
C LEU A 128 4.39 -8.18 13.29
N PHE A 129 3.13 -7.93 12.91
CA PHE A 129 2.28 -6.95 13.57
C PHE A 129 1.40 -7.65 14.61
N THR A 130 1.42 -7.19 15.88
CA THR A 130 0.57 -7.85 16.89
C THR A 130 -0.21 -6.83 17.71
N ALA A 131 -1.33 -7.28 18.30
CA ALA A 131 -2.07 -6.45 19.26
C ALA A 131 -2.88 -7.36 20.20
N THR A 132 -3.08 -6.88 21.44
N THR A 132 -3.11 -6.87 21.43
CA THR A 132 -4.04 -7.48 22.37
CA THR A 132 -4.04 -7.51 22.37
C THR A 132 -4.90 -6.38 22.96
C THR A 132 -4.88 -6.42 23.03
N ARG A 133 -6.14 -6.72 23.29
CA ARG A 133 -7.13 -5.70 23.69
C ARG A 133 -6.71 -5.04 25.00
N GLY A 134 -6.68 -3.71 24.99
CA GLY A 134 -6.25 -2.92 26.13
C GLY A 134 -4.77 -2.83 26.39
N GLN A 135 -3.92 -3.45 25.55
N GLN A 135 -3.92 -3.45 25.54
CA GLN A 135 -2.47 -3.46 25.77
CA GLN A 135 -2.48 -3.46 25.77
C GLN A 135 -1.65 -2.79 24.66
C GLN A 135 -1.66 -2.97 24.58
N GLY A 136 -2.27 -2.30 23.59
CA GLY A 136 -1.51 -1.66 22.51
C GLY A 136 -1.18 -2.61 21.35
N ALA A 137 -0.50 -2.04 20.34
CA ALA A 137 -0.11 -2.77 19.13
C ALA A 137 1.39 -2.56 18.89
N GLN A 138 2.04 -3.54 18.23
CA GLN A 138 3.49 -3.53 18.04
C GLN A 138 3.88 -4.00 16.63
N LEU A 139 5.05 -3.55 16.14
CA LEU A 139 5.69 -4.13 14.95
C LEU A 139 7.06 -4.63 15.38
N ASN A 140 7.26 -5.94 15.32
CA ASN A 140 8.53 -6.58 15.72
C ASN A 140 9.00 -6.07 17.09
N GLY A 141 8.05 -5.88 18.02
CA GLY A 141 8.36 -5.45 19.36
C GLY A 141 8.20 -3.96 19.63
N TYR A 142 8.22 -3.10 18.61
CA TYR A 142 8.10 -1.66 18.80
C TYR A 142 6.65 -1.18 18.83
N ARG A 143 6.33 -0.32 19.80
CA ARG A 143 4.97 0.18 20.00
C ARG A 143 4.53 1.08 18.84
N LEU A 144 3.29 0.87 18.36
CA LEU A 144 2.71 1.63 17.25
C LEU A 144 1.75 2.72 17.75
N ARG A 145 1.81 3.91 17.11
N ARG A 145 1.82 3.90 17.12
CA ARG A 145 0.99 5.03 17.56
CA ARG A 145 0.98 5.02 17.56
C ARG A 145 0.18 5.70 16.44
C ARG A 145 0.15 5.66 16.46
N GLY A 146 0.16 5.13 15.23
CA GLY A 146 -0.66 5.69 14.15
C GLY A 146 -0.10 7.00 13.60
N SER A 147 -0.87 7.61 12.69
CA SER A 147 -0.54 8.90 12.05
C SER A 147 -0.98 10.09 12.91
N THR A 148 -0.18 11.18 12.86
CA THR A 148 -0.51 12.44 13.54
C THR A 148 -1.38 13.41 12.73
N ALA A 149 -1.90 13.02 11.56
CA ALA A 149 -2.58 14.00 10.70
C ALA A 149 -3.81 14.62 11.37
N ARG A 150 -3.97 15.93 11.24
N ARG A 150 -3.96 15.95 11.25
CA ARG A 150 -5.09 16.62 11.86
CA ARG A 150 -5.11 16.64 11.86
C ARG A 150 -6.25 16.89 10.92
C ARG A 150 -6.30 16.78 10.92
N ASP A 151 -6.08 16.63 9.62
CA ASP A 151 -7.14 16.73 8.61
C ASP A 151 -6.57 16.03 7.37
N LEU A 152 -7.22 16.19 6.20
CA LEU A 152 -6.74 15.43 5.03
C LEU A 152 -5.63 16.13 4.25
N ASP A 153 -5.24 17.37 4.58
CA ASP A 153 -4.22 18.04 3.80
CA ASP A 153 -4.19 18.09 3.87
C ASP A 153 -2.91 17.25 3.83
N GLY A 154 -2.40 16.94 2.65
CA GLY A 154 -1.15 16.21 2.52
C GLY A 154 -1.20 14.72 2.83
N THR A 155 -2.39 14.13 3.02
CA THR A 155 -2.48 12.74 3.45
C THR A 155 -2.42 11.73 2.28
N ILE A 156 -1.98 10.50 2.64
CA ILE A 156 -1.87 9.34 1.75
C ILE A 156 -2.90 8.32 2.23
N LEU A 157 -3.90 8.00 1.38
CA LEU A 157 -4.99 7.10 1.80
C LEU A 157 -4.84 5.76 1.09
N ALA A 158 -4.78 4.68 1.88
CA ALA A 158 -4.81 3.34 1.26
C ALA A 158 -6.23 2.92 0.88
N THR A 159 -6.36 2.11 -0.18
CA THR A 159 -7.71 1.70 -0.62
C THR A 159 -7.64 0.45 -1.51
N GLY A 160 -8.81 -0.14 -1.77
CA GLY A 160 -8.92 -1.22 -2.74
C GLY A 160 -10.10 -0.96 -3.69
N PHE A 161 -9.95 -1.46 -4.97
CA PHE A 161 -11.00 -1.33 -5.98
C PHE A 161 -12.00 -2.48 -5.84
N PRO A 162 -13.31 -2.26 -6.10
CA PRO A 162 -14.31 -3.33 -5.90
C PRO A 162 -14.31 -4.37 -7.01
N PHE A 163 -13.18 -5.08 -7.18
CA PHE A 163 -13.10 -6.05 -8.28
C PHE A 163 -13.99 -7.26 -8.05
N LYS A 164 -14.43 -7.51 -6.81
CA LYS A 164 -15.39 -8.58 -6.55
C LYS A 164 -16.82 -8.09 -6.57
N ALA A 165 -17.06 -6.80 -6.81
CA ALA A 165 -18.40 -6.23 -6.72
C ALA A 165 -18.55 -5.06 -7.69
N LYS A 166 -18.40 -5.31 -8.98
CA LYS A 166 -18.26 -4.19 -9.90
C LYS A 166 -19.56 -3.46 -10.15
N GLN A 167 -20.70 -3.94 -9.62
CA GLN A 167 -21.90 -3.10 -9.66
C GLN A 167 -21.69 -1.78 -8.92
N TYR A 168 -20.69 -1.68 -8.05
CA TYR A 168 -20.37 -0.45 -7.34
C TYR A 168 -19.27 0.39 -8.00
N ALA A 169 -18.85 0.05 -9.23
CA ALA A 169 -17.69 0.73 -9.83
C ALA A 169 -17.88 2.24 -9.93
N THR A 170 -19.05 2.71 -10.42
CA THR A 170 -19.22 4.15 -10.62
C THR A 170 -19.22 4.91 -9.28
N THR A 171 -19.97 4.42 -8.30
CA THR A 171 -19.95 5.00 -6.97
C THR A 171 -18.53 5.09 -6.43
N TYR A 172 -17.76 3.99 -6.55
CA TYR A 172 -16.38 3.98 -6.03
C TYR A 172 -15.49 5.00 -6.75
N ILE A 173 -15.52 5.03 -8.09
CA ILE A 173 -14.67 6.00 -8.82
C ILE A 173 -15.04 7.43 -8.43
N ASN A 174 -16.35 7.72 -8.26
CA ASN A 174 -16.77 9.05 -7.80
C ASN A 174 -16.23 9.38 -6.40
N ILE A 175 -16.24 8.40 -5.48
CA ILE A 175 -15.71 8.63 -4.13
C ILE A 175 -14.21 8.94 -4.18
N VAL A 176 -13.45 8.19 -5.01
CA VAL A 176 -12.00 8.43 -5.10
C VAL A 176 -11.74 9.84 -5.64
N GLY A 177 -12.45 10.21 -6.71
CA GLY A 177 -12.22 11.50 -7.35
C GLY A 177 -12.48 12.67 -6.42
N LYS A 178 -13.54 12.60 -5.62
CA LYS A 178 -13.80 13.67 -4.66
C LYS A 178 -12.79 13.69 -3.50
N LEU A 179 -12.39 12.51 -2.98
CA LEU A 179 -11.36 12.52 -1.93
C LEU A 179 -10.04 13.12 -2.45
N PHE A 180 -9.72 12.89 -3.72
CA PHE A 180 -8.47 13.38 -4.31
C PHE A 180 -8.39 14.91 -4.33
N ASN A 181 -9.54 15.60 -4.33
CA ASN A 181 -9.47 17.04 -4.23
C ASN A 181 -9.09 17.53 -2.83
N GLU A 182 -9.13 16.66 -1.80
CA GLU A 182 -8.74 17.04 -0.44
C GLU A 182 -7.44 16.39 0.03
N CYS A 183 -7.21 15.11 -0.27
CA CYS A 183 -5.98 14.44 0.16
C CYS A 183 -4.90 14.66 -0.88
N ALA A 184 -3.67 14.18 -0.61
CA ALA A 184 -2.57 14.31 -1.56
C ALA A 184 -2.48 13.17 -2.59
N ASP A 185 -2.70 11.91 -2.18
CA ASP A 185 -2.42 10.74 -3.02
C ASP A 185 -3.06 9.51 -2.37
N PHE A 186 -2.95 8.38 -3.06
CA PHE A 186 -3.46 7.13 -2.58
C PHE A 186 -2.41 6.00 -2.71
N ARG A 187 -2.62 4.92 -1.99
CA ARG A 187 -1.82 3.73 -2.15
C ARG A 187 -2.80 2.55 -2.41
N ARG A 188 -2.49 1.68 -3.37
CA ARG A 188 -3.30 0.49 -3.69
C ARG A 188 -2.28 -0.64 -3.80
N THR A 189 -2.18 -1.39 -2.71
CA THR A 189 -1.20 -2.43 -2.52
C THR A 189 -1.55 -3.87 -2.85
N GLY A 190 -2.81 -4.22 -2.72
CA GLY A 190 -3.24 -5.56 -2.91
C GLY A 190 -3.38 -6.48 -1.67
N SER A 191 -3.21 -5.92 -0.49
CA SER A 191 -3.44 -6.63 0.76
C SER A 191 -4.15 -5.75 1.81
N ALA A 192 -5.43 -5.98 2.05
CA ALA A 192 -6.16 -5.18 3.03
C ALA A 192 -5.61 -5.37 4.44
N ALA A 193 -5.18 -6.59 4.79
CA ALA A 193 -4.63 -6.81 6.14
C ALA A 193 -3.37 -5.96 6.37
N LEU A 194 -2.46 -5.93 5.38
CA LEU A 194 -1.30 -5.05 5.50
C LEU A 194 -1.67 -3.57 5.38
N ASP A 195 -2.72 -3.22 4.61
CA ASP A 195 -3.14 -1.80 4.57
C ASP A 195 -3.54 -1.31 5.95
N LEU A 196 -4.33 -2.13 6.67
CA LEU A 196 -4.73 -1.78 8.03
C LEU A 196 -3.52 -1.74 8.97
N ALA A 197 -2.61 -2.72 8.87
CA ALA A 197 -1.36 -2.64 9.66
C ALA A 197 -0.59 -1.36 9.36
N TYR A 198 -0.60 -0.90 8.10
CA TYR A 198 0.18 0.32 7.77
C TYR A 198 -0.50 1.58 8.33
N VAL A 199 -1.85 1.60 8.41
CA VAL A 199 -2.55 2.68 9.14
C VAL A 199 -2.10 2.70 10.61
N ALA A 200 -2.01 1.53 11.25
CA ALA A 200 -1.58 1.45 12.64
C ALA A 200 -0.16 1.98 12.84
N ALA A 201 0.73 1.75 11.85
CA ALA A 201 2.13 2.17 11.93
C ALA A 201 2.35 3.60 11.44
N GLY A 202 1.35 4.26 10.89
CA GLY A 202 1.53 5.59 10.32
C GLY A 202 2.21 5.61 8.96
N ARG A 203 2.37 4.43 8.31
CA ARG A 203 2.94 4.40 6.96
C ARG A 203 1.99 4.98 5.92
N VAL A 204 0.67 4.88 6.17
CA VAL A 204 -0.35 5.67 5.47
C VAL A 204 -1.22 6.32 6.55
N ASP A 205 -2.04 7.31 6.14
CA ASP A 205 -2.84 8.09 7.07
C ASP A 205 -4.28 7.58 7.26
N GLY A 206 -4.76 6.69 6.39
CA GLY A 206 -6.10 6.10 6.58
C GLY A 206 -6.38 5.09 5.48
N PHE A 207 -7.58 4.47 5.53
CA PHE A 207 -7.95 3.36 4.63
C PHE A 207 -9.46 3.34 4.40
N PHE A 208 -9.88 3.05 3.15
CA PHE A 208 -11.31 2.80 2.90
C PHE A 208 -11.47 1.73 1.81
N GLU A 209 -12.50 0.87 1.95
CA GLU A 209 -12.78 -0.13 0.91
C GLU A 209 -14.21 -0.65 1.08
N ILE A 210 -14.84 -1.05 -0.06
CA ILE A 210 -16.20 -1.62 -0.11
C ILE A 210 -16.17 -3.15 -0.09
N GLY A 211 -17.05 -3.76 0.70
CA GLY A 211 -17.40 -5.17 0.54
C GLY A 211 -16.36 -6.20 0.93
N LEU A 212 -15.50 -5.88 1.90
CA LEU A 212 -14.54 -6.86 2.41
C LEU A 212 -15.27 -7.93 3.23
N ARG A 213 -14.58 -9.05 3.45
CA ARG A 213 -15.10 -10.17 4.26
C ARG A 213 -14.47 -10.15 5.65
N PRO A 214 -15.11 -10.75 6.66
CA PRO A 214 -14.57 -10.64 8.04
C PRO A 214 -13.11 -11.07 8.22
N TRP A 215 -12.65 -12.15 7.56
CA TRP A 215 -11.26 -12.55 7.72
C TRP A 215 -10.29 -11.57 7.10
N ASP A 216 -10.73 -10.73 6.13
CA ASP A 216 -9.84 -9.72 5.54
C ASP A 216 -9.36 -8.69 6.58
N PHE A 217 -10.28 -8.24 7.47
CA PHE A 217 -10.00 -7.12 8.35
C PHE A 217 -10.10 -7.43 9.85
N ALA A 218 -10.41 -8.67 10.25
CA ALA A 218 -10.67 -8.91 11.67
C ALA A 218 -9.44 -8.64 12.54
N ALA A 219 -8.25 -9.02 12.06
CA ALA A 219 -7.01 -8.74 12.80
C ALA A 219 -6.58 -7.28 12.60
N GLY A 220 -6.56 -6.79 11.35
CA GLY A 220 -6.09 -5.42 11.10
C GLY A 220 -6.88 -4.35 11.82
N GLU A 221 -8.18 -4.57 12.05
CA GLU A 221 -8.97 -3.50 12.66
C GLU A 221 -8.65 -3.35 14.14
N LEU A 222 -8.27 -4.44 14.84
CA LEU A 222 -7.78 -4.31 16.21
C LEU A 222 -6.40 -3.64 16.26
N LEU A 223 -5.51 -3.88 15.27
CA LEU A 223 -4.25 -3.13 15.24
C LEU A 223 -4.51 -1.61 15.22
N VAL A 224 -5.43 -1.16 14.35
CA VAL A 224 -5.74 0.28 14.23
C VAL A 224 -6.23 0.84 15.56
N ARG A 225 -7.21 0.17 16.17
CA ARG A 225 -7.83 0.69 17.38
C ARG A 225 -6.86 0.68 18.56
N GLU A 226 -5.95 -0.30 18.64
CA GLU A 226 -4.95 -0.29 19.72
C GLU A 226 -3.80 0.70 19.48
N ALA A 227 -3.70 1.29 18.28
CA ALA A 227 -2.74 2.35 17.96
C ALA A 227 -3.40 3.72 17.96
N GLY A 228 -4.53 3.88 18.66
CA GLY A 228 -5.19 5.16 18.79
C GLY A 228 -6.25 5.51 17.77
N GLY A 229 -6.58 4.60 16.84
CA GLY A 229 -7.52 4.92 15.77
C GLY A 229 -8.96 4.48 16.04
N ILE A 230 -9.84 4.83 15.08
CA ILE A 230 -11.21 4.29 15.09
C ILE A 230 -11.48 3.56 13.78
N VAL A 231 -12.45 2.63 13.82
CA VAL A 231 -12.91 1.91 12.64
C VAL A 231 -14.43 2.03 12.58
N SER A 232 -14.98 2.39 11.41
CA SER A 232 -16.44 2.52 11.24
C SER A 232 -16.86 1.96 9.89
N ASP A 233 -18.18 1.82 9.71
CA ASP A 233 -18.78 1.54 8.41
C ASP A 233 -18.90 2.85 7.60
N PHE A 234 -19.38 2.77 6.36
CA PHE A 234 -19.34 3.96 5.48
C PHE A 234 -20.30 5.05 5.91
N THR A 235 -21.27 4.75 6.80
CA THR A 235 -22.16 5.77 7.36
C THR A 235 -21.71 6.30 8.72
N GLY A 236 -20.56 5.87 9.23
CA GLY A 236 -20.14 6.27 10.56
C GLY A 236 -20.63 5.39 11.70
N GLY A 237 -21.32 4.28 11.41
CA GLY A 237 -21.80 3.39 12.45
C GLY A 237 -20.83 2.25 12.76
N HIS A 238 -21.33 1.27 13.54
CA HIS A 238 -20.53 0.15 14.03
C HIS A 238 -20.90 -1.18 13.39
N ASN A 239 -21.53 -1.16 12.23
CA ASN A 239 -22.02 -2.36 11.56
C ASN A 239 -21.05 -2.90 10.51
N TYR A 240 -19.78 -2.52 10.58
CA TYR A 240 -18.84 -2.93 9.53
C TYR A 240 -18.57 -4.43 9.54
N MET A 241 -18.64 -5.09 10.71
N MET A 241 -18.64 -5.09 10.71
CA MET A 241 -18.39 -6.54 10.70
CA MET A 241 -18.41 -6.53 10.73
C MET A 241 -19.46 -7.25 9.89
C MET A 241 -19.48 -7.26 9.93
N LEU A 242 -20.66 -6.66 9.80
CA LEU A 242 -21.75 -7.19 8.99
C LEU A 242 -21.72 -6.72 7.53
N THR A 243 -21.37 -5.46 7.24
CA THR A 243 -21.39 -5.01 5.84
C THR A 243 -20.06 -5.15 5.12
N GLY A 244 -18.94 -5.14 5.84
CA GLY A 244 -17.61 -5.17 5.22
C GLY A 244 -17.20 -3.89 4.53
N ASN A 245 -17.95 -2.80 4.70
CA ASN A 245 -17.54 -1.48 4.19
C ASN A 245 -16.79 -0.77 5.33
N ILE A 246 -15.48 -0.55 5.14
CA ILE A 246 -14.55 -0.20 6.22
C ILE A 246 -13.95 1.18 5.96
N VAL A 247 -13.95 2.03 6.98
CA VAL A 247 -13.16 3.27 7.03
C VAL A 247 -12.32 3.23 8.33
N ALA A 248 -11.01 3.53 8.24
CA ALA A 248 -10.11 3.43 9.41
C ALA A 248 -9.02 4.51 9.40
N GLY A 249 -8.67 5.00 10.60
CA GLY A 249 -7.66 6.05 10.74
C GLY A 249 -7.82 6.71 12.10
N ASN A 250 -7.02 7.80 12.35
CA ASN A 250 -7.26 8.50 13.62
C ASN A 250 -8.62 9.24 13.54
N PRO A 251 -9.16 9.71 14.69
CA PRO A 251 -10.52 10.27 14.66
C PRO A 251 -10.71 11.45 13.73
N ARG A 252 -9.71 12.34 13.60
CA ARG A 252 -9.83 13.49 12.70
C ARG A 252 -9.84 13.07 11.23
N VAL A 253 -8.99 12.10 10.87
CA VAL A 253 -8.96 11.63 9.48
C VAL A 253 -10.26 10.90 9.12
N VAL A 254 -10.75 10.04 10.01
CA VAL A 254 -11.98 9.30 9.73
C VAL A 254 -13.15 10.27 9.58
N LYS A 255 -13.26 11.24 10.50
CA LYS A 255 -14.36 12.21 10.40
C LYS A 255 -14.35 12.93 9.05
N ALA A 256 -13.17 13.31 8.58
CA ALA A 256 -13.07 14.07 7.34
C ALA A 256 -13.37 13.19 6.13
N MET A 257 -12.90 11.93 6.15
CA MET A 257 -13.25 10.98 5.08
CA MET A 257 -13.25 10.98 5.08
C MET A 257 -14.76 10.78 4.99
N LEU A 258 -15.42 10.53 6.14
CA LEU A 258 -16.85 10.22 6.12
C LEU A 258 -17.67 11.42 5.64
N ALA A 259 -17.24 12.63 6.03
CA ALA A 259 -17.96 13.83 5.61
C ALA A 259 -17.86 14.03 4.10
N ASN A 260 -16.67 13.79 3.53
CA ASN A 260 -16.41 13.94 2.11
C ASN A 260 -17.25 12.97 1.29
N MET A 261 -17.35 11.72 1.76
N MET A 261 -17.37 11.71 1.72
CA MET A 261 -18.00 10.65 1.03
CA MET A 261 -18.10 10.75 0.90
C MET A 261 -19.52 10.71 1.07
C MET A 261 -19.61 10.75 1.16
N ARG A 262 -20.10 11.43 2.04
N ARG A 262 -20.11 11.57 2.08
CA ARG A 262 -21.50 11.22 2.37
CA ARG A 262 -21.50 11.45 2.51
C ARG A 262 -22.45 11.52 1.21
C ARG A 262 -22.51 11.67 1.38
N ASP A 263 -22.23 12.63 0.48
CA ASP A 263 -23.18 12.99 -0.58
C ASP A 263 -23.28 11.89 -1.64
N GLU A 264 -22.16 11.29 -2.03
CA GLU A 264 -22.22 10.25 -3.05
C GLU A 264 -22.96 9.00 -2.55
N LEU A 265 -22.78 8.67 -1.27
CA LEU A 265 -23.49 7.51 -0.72
C LEU A 265 -25.01 7.72 -0.74
N SER A 266 -25.47 8.96 -0.49
CA SER A 266 -26.90 9.25 -0.52
C SER A 266 -27.49 9.01 -1.91
N ASP A 267 -26.78 9.46 -2.95
CA ASP A 267 -27.23 9.23 -4.32
C ASP A 267 -27.28 7.74 -4.65
N ALA A 268 -26.33 6.95 -4.13
CA ALA A 268 -26.32 5.52 -4.41
C ALA A 268 -27.52 4.83 -3.78
N LEU A 269 -27.85 5.18 -2.53
CA LEU A 269 -29.03 4.62 -1.87
C LEU A 269 -30.27 5.43 -2.22
N GLY B 1 25.53 -21.47 -15.21
CA GLY B 1 25.92 -20.71 -16.39
C GLY B 1 27.04 -19.72 -16.08
N ALA B 2 27.80 -19.33 -17.11
CA ALA B 2 28.89 -18.38 -16.95
C ALA B 2 28.32 -16.97 -16.79
N MET B 3 28.78 -16.24 -15.78
CA MET B 3 28.34 -14.88 -15.52
C MET B 3 29.35 -13.87 -16.07
N ALA B 4 28.85 -12.71 -16.50
CA ALA B 4 29.68 -11.63 -17.02
C ALA B 4 29.07 -10.28 -16.65
N MET B 5 29.82 -9.20 -16.92
CA MET B 5 29.32 -7.87 -16.59
C MET B 5 29.94 -6.79 -17.49
N HIS B 6 29.08 -5.96 -18.11
CA HIS B 6 29.52 -4.81 -18.89
C HIS B 6 30.19 -3.77 -17.98
N PRO B 7 31.30 -3.13 -18.40
CA PRO B 7 32.02 -2.27 -17.43
C PRO B 7 31.20 -1.09 -16.90
N MET B 8 30.37 -0.47 -17.73
CA MET B 8 29.58 0.65 -17.23
C MET B 8 28.45 0.16 -16.35
N LEU B 9 27.89 -1.03 -16.66
CA LEU B 9 26.90 -1.62 -15.75
C LEU B 9 27.53 -1.97 -14.39
N ASN B 10 28.79 -2.43 -14.40
CA ASN B 10 29.46 -2.70 -13.12
C ASN B 10 29.51 -1.46 -12.24
N ILE B 11 29.90 -0.30 -12.81
CA ILE B 11 30.01 0.91 -12.01
C ILE B 11 28.62 1.42 -11.60
N ALA B 12 27.63 1.30 -12.49
CA ALA B 12 26.24 1.67 -12.11
C ALA B 12 25.74 0.83 -10.93
N VAL B 13 25.98 -0.48 -10.94
CA VAL B 13 25.56 -1.31 -9.80
C VAL B 13 26.32 -0.91 -8.52
N ARG B 14 27.64 -0.68 -8.62
CA ARG B 14 28.41 -0.25 -7.44
C ARG B 14 27.83 1.02 -6.83
N ALA B 15 27.49 2.00 -7.68
CA ALA B 15 26.98 3.28 -7.19
C ALA B 15 25.59 3.12 -6.54
N ALA B 16 24.73 2.31 -7.16
CA ALA B 16 23.37 2.14 -6.64
C ALA B 16 23.38 1.39 -5.30
N ARG B 17 24.26 0.39 -5.16
CA ARG B 17 24.34 -0.36 -3.90
C ARG B 17 24.87 0.50 -2.75
N LYS B 18 25.87 1.35 -3.01
CA LYS B 18 26.39 2.24 -1.98
C LYS B 18 25.38 3.30 -1.55
N ALA B 19 24.69 3.94 -2.51
CA ALA B 19 23.61 4.86 -2.14
C ALA B 19 22.50 4.13 -1.41
N GLY B 20 22.17 2.93 -1.87
CA GLY B 20 21.08 2.19 -1.22
C GLY B 20 21.38 1.83 0.23
N ASN B 21 22.63 1.42 0.52
N ASN B 21 22.63 1.47 0.53
CA ASN B 21 23.06 1.18 1.91
CA ASN B 21 23.00 1.17 1.92
C ASN B 21 22.82 2.42 2.78
C ASN B 21 22.89 2.40 2.82
N LEU B 22 23.30 3.58 2.32
CA LEU B 22 23.12 4.81 3.09
C LEU B 22 21.63 5.11 3.34
N ILE B 23 20.78 4.93 2.32
CA ILE B 23 19.35 5.15 2.49
C ILE B 23 18.78 4.20 3.54
N ALA B 24 19.11 2.91 3.45
CA ALA B 24 18.55 1.94 4.41
C ALA B 24 19.02 2.19 5.84
N LYS B 25 20.27 2.63 6.03
CA LYS B 25 20.74 2.95 7.38
C LYS B 25 19.98 4.14 7.96
N ASN B 26 19.69 5.15 7.14
CA ASN B 26 18.92 6.29 7.64
C ASN B 26 17.45 5.96 7.86
N TYR B 27 16.90 4.94 7.15
CA TYR B 27 15.54 4.47 7.41
C TYR B 27 15.42 3.91 8.82
N GLU B 28 16.43 3.12 9.23
CA GLU B 28 16.37 2.38 10.48
C GLU B 28 16.55 3.31 11.67
N THR B 29 17.24 4.43 11.47
CA THR B 29 17.49 5.41 12.52
C THR B 29 17.24 6.77 11.91
N PRO B 30 15.97 7.20 11.87
CA PRO B 30 15.62 8.42 11.12
C PRO B 30 15.66 9.66 11.98
N ASP B 31 16.43 9.58 13.07
CA ASP B 31 16.57 10.70 13.99
C ASP B 31 17.24 11.90 13.33
N ALA B 32 17.97 11.68 12.22
CA ALA B 32 18.68 12.75 11.52
C ALA B 32 18.09 13.07 10.16
N VAL B 33 16.92 12.53 9.82
CA VAL B 33 16.28 12.83 8.54
C VAL B 33 15.64 14.22 8.61
N GLU B 34 15.93 15.07 7.63
CA GLU B 34 15.41 16.43 7.59
C GLU B 34 14.75 16.68 6.25
N ALA B 35 13.44 16.93 6.27
CA ALA B 35 12.64 17.04 5.05
C ALA B 35 12.40 18.51 4.70
N SER B 36 12.28 18.76 3.40
CA SER B 36 11.99 20.09 2.89
C SER B 36 11.01 19.95 1.71
N GLN B 37 10.11 20.92 1.58
CA GLN B 37 9.07 20.85 0.56
C GLN B 37 9.51 21.58 -0.70
N LYS B 38 9.56 20.84 -1.82
CA LYS B 38 9.89 21.41 -3.12
C LYS B 38 8.72 22.21 -3.69
N GLY B 39 7.67 21.49 -4.08
CA GLY B 39 6.43 22.11 -4.52
C GLY B 39 5.26 21.40 -3.89
N SER B 40 4.12 21.40 -4.58
CA SER B 40 2.89 20.79 -4.07
C SER B 40 3.08 19.31 -3.77
N ASN B 41 3.02 18.95 -2.48
CA ASN B 41 3.12 17.55 -2.01
C ASN B 41 4.39 16.85 -2.51
N ASP B 42 5.46 17.61 -2.70
CA ASP B 42 6.70 17.12 -3.29
C ASP B 42 7.86 17.50 -2.35
N PHE B 43 8.59 16.50 -1.85
CA PHE B 43 9.58 16.68 -0.80
C PHE B 43 10.98 16.26 -1.25
N VAL B 44 11.99 16.81 -0.57
CA VAL B 44 13.39 16.41 -0.70
C VAL B 44 14.04 16.47 0.68
N THR B 45 14.90 15.49 0.99
N THR B 45 14.88 15.49 1.02
CA THR B 45 15.52 15.34 2.31
CA THR B 45 15.49 15.38 2.35
C THR B 45 17.02 15.58 2.23
C THR B 45 17.01 15.36 2.25
N ASN B 46 17.67 15.52 3.41
CA ASN B 46 19.14 15.46 3.45
C ASN B 46 19.67 14.10 3.05
N VAL B 47 18.86 13.03 3.22
CA VAL B 47 19.25 11.70 2.76
C VAL B 47 19.34 11.67 1.23
N ASP B 48 18.40 12.34 0.54
CA ASP B 48 18.45 12.41 -0.92
CA ASP B 48 18.43 12.41 -0.92
C ASP B 48 19.77 12.99 -1.40
N LYS B 49 20.20 14.10 -0.80
CA LYS B 49 21.42 14.79 -1.22
C LYS B 49 22.68 13.98 -0.92
N ALA B 50 22.71 13.28 0.23
CA ALA B 50 23.87 12.44 0.55
C ALA B 50 23.99 11.25 -0.39
N ALA B 51 22.86 10.63 -0.73
CA ALA B 51 22.86 9.56 -1.72
C ALA B 51 23.33 10.05 -3.08
N GLU B 52 22.87 11.24 -3.48
CA GLU B 52 23.31 11.84 -4.75
CA GLU B 52 23.32 11.82 -4.75
C GLU B 52 24.83 12.03 -4.77
N ALA B 53 25.39 12.53 -3.67
CA ALA B 53 26.83 12.76 -3.63
C ALA B 53 27.60 11.44 -3.76
N VAL B 54 27.09 10.37 -3.13
CA VAL B 54 27.74 9.06 -3.20
C VAL B 54 27.76 8.55 -4.64
N ILE B 55 26.63 8.70 -5.35
CA ILE B 55 26.54 8.21 -6.72
C ILE B 55 27.48 8.98 -7.63
N ILE B 56 27.54 10.31 -7.50
CA ILE B 56 28.41 11.13 -8.35
C ILE B 56 29.88 10.81 -8.09
N ASP B 57 30.26 10.68 -6.81
CA ASP B 57 31.63 10.31 -6.46
C ASP B 57 32.03 8.97 -7.07
N THR B 58 31.13 7.97 -7.00
CA THR B 58 31.47 6.66 -7.54
C THR B 58 31.66 6.72 -9.05
N ILE B 59 30.75 7.41 -9.77
CA ILE B 59 30.86 7.47 -11.23
C ILE B 59 32.15 8.17 -11.63
N ARG B 60 32.47 9.30 -10.99
N ARG B 60 32.48 9.30 -11.00
CA ARG B 60 33.59 10.16 -11.39
CA ARG B 60 33.61 10.12 -11.45
C ARG B 60 34.97 9.55 -11.08
C ARG B 60 34.98 9.56 -11.07
N LYS B 61 35.06 8.63 -10.12
CA LYS B 61 36.35 7.96 -9.85
C LYS B 61 36.75 7.07 -11.01
N SER B 62 35.77 6.53 -11.76
CA SER B 62 36.05 5.63 -12.88
C SER B 62 35.86 6.27 -14.25
N TYR B 63 34.95 7.24 -14.37
CA TYR B 63 34.62 7.88 -15.63
C TYR B 63 34.54 9.39 -15.40
N PRO B 64 35.66 10.04 -15.07
CA PRO B 64 35.61 11.48 -14.86
C PRO B 64 35.23 12.25 -16.12
N GLN B 65 35.33 11.64 -17.31
CA GLN B 65 35.02 12.37 -18.53
C GLN B 65 33.51 12.49 -18.84
N HIS B 66 32.63 11.79 -18.11
CA HIS B 66 31.24 11.66 -18.57
C HIS B 66 30.31 12.72 -17.95
N THR B 67 29.31 13.13 -18.73
CA THR B 67 28.26 14.02 -18.22
C THR B 67 27.30 13.27 -17.27
N ILE B 68 26.86 13.97 -16.22
CA ILE B 68 25.88 13.46 -15.25
C ILE B 68 24.70 14.44 -15.18
N ILE B 69 23.47 13.90 -15.18
CA ILE B 69 22.23 14.68 -15.10
C ILE B 69 21.40 14.22 -13.89
N THR B 70 21.05 15.16 -12.99
CA THR B 70 20.13 14.89 -11.87
C THR B 70 19.15 16.06 -11.66
N GLU B 71 18.08 15.81 -10.87
CA GLU B 71 17.07 16.86 -10.64
C GLU B 71 17.63 18.03 -9.84
N GLU B 72 18.39 17.74 -8.77
CA GLU B 72 18.82 18.78 -7.85
C GLU B 72 20.10 19.48 -8.29
N SER B 73 20.91 18.85 -9.13
CA SER B 73 22.15 19.45 -9.57
C SER B 73 22.12 19.92 -11.00
N GLY B 74 21.05 19.62 -11.73
CA GLY B 74 21.05 19.92 -13.15
C GLY B 74 22.04 19.05 -13.90
N GLU B 75 22.60 19.62 -14.96
CA GLU B 75 23.54 18.93 -15.84
C GLU B 75 24.96 19.29 -15.44
N LEU B 76 25.69 18.33 -14.90
CA LEU B 76 27.13 18.47 -14.64
C LEU B 76 27.84 17.98 -15.91
N GLU B 77 28.27 18.93 -16.74
CA GLU B 77 28.81 18.62 -18.06
C GLU B 77 30.23 18.05 -17.96
N GLY B 78 30.52 17.02 -18.77
CA GLY B 78 31.85 16.44 -18.87
C GLY B 78 32.46 16.66 -20.26
N THR B 79 33.74 16.30 -20.40
CA THR B 79 34.46 16.51 -21.67
C THR B 79 34.05 15.50 -22.75
N ASP B 80 33.58 14.32 -22.39
CA ASP B 80 33.05 13.36 -23.37
C ASP B 80 31.54 13.60 -23.44
N GLN B 81 31.10 14.37 -24.43
CA GLN B 81 29.69 14.68 -24.53
C GLN B 81 28.85 13.52 -25.07
N ASP B 82 29.47 12.46 -25.61
CA ASP B 82 28.62 11.37 -26.12
C ASP B 82 27.90 10.57 -25.02
N VAL B 83 28.34 10.63 -23.76
CA VAL B 83 27.80 9.73 -22.73
C VAL B 83 27.15 10.57 -21.63
N GLN B 84 25.95 10.15 -21.17
CA GLN B 84 25.23 10.82 -20.09
C GLN B 84 24.71 9.79 -19.09
N TRP B 85 25.02 10.02 -17.81
CA TRP B 85 24.45 9.26 -16.68
C TRP B 85 23.23 10.01 -16.16
N VAL B 86 22.06 9.35 -16.13
CA VAL B 86 20.79 9.96 -15.75
C VAL B 86 20.33 9.31 -14.44
N ILE B 87 20.29 10.09 -13.33
CA ILE B 87 20.22 9.56 -11.96
C ILE B 87 18.99 10.06 -11.23
N ASP B 88 18.29 9.16 -10.54
CA ASP B 88 17.35 9.52 -9.44
C ASP B 88 17.87 8.93 -8.14
N PRO B 89 18.45 9.73 -7.22
CA PRO B 89 19.09 9.15 -6.02
C PRO B 89 18.13 8.48 -5.07
N LEU B 90 16.84 8.86 -5.09
CA LEU B 90 15.86 8.28 -4.16
C LEU B 90 14.50 8.50 -4.80
N ASP B 91 13.95 7.45 -5.40
CA ASP B 91 12.62 7.54 -6.01
C ASP B 91 11.59 6.98 -5.03
N GLY B 92 10.63 7.83 -4.60
CA GLY B 92 9.72 7.44 -3.55
C GLY B 92 9.94 8.20 -2.25
N THR B 93 10.15 9.52 -2.33
CA THR B 93 10.52 10.29 -1.14
CA THR B 93 10.54 10.21 -1.11
C THR B 93 9.39 10.35 -0.13
N THR B 94 8.14 10.47 -0.59
CA THR B 94 7.02 10.48 0.35
C THR B 94 6.96 9.16 1.14
N ASN B 95 7.08 7.99 0.45
CA ASN B 95 7.13 6.72 1.20
C ASN B 95 8.27 6.72 2.23
N PHE B 96 9.46 7.20 1.84
CA PHE B 96 10.60 7.21 2.76
C PHE B 96 10.30 8.02 4.03
N ILE B 97 9.73 9.22 3.87
CA ILE B 97 9.42 10.08 5.03
C ILE B 97 8.40 9.42 5.96
N LYS B 98 7.45 8.69 5.42
CA LYS B 98 6.45 8.00 6.18
C LYS B 98 6.88 6.59 6.69
N ARG B 99 8.08 6.19 6.32
CA ARG B 99 8.63 4.91 6.64
C ARG B 99 7.89 3.72 6.03
N LEU B 100 7.29 3.95 4.88
CA LEU B 100 6.66 2.90 4.06
C LEU B 100 7.86 2.42 3.22
N PRO B 101 8.23 1.11 3.46
CA PRO B 101 9.49 0.69 2.86
C PRO B 101 9.58 0.27 1.36
N HIS B 102 9.06 1.11 0.48
CA HIS B 102 9.06 0.88 -0.95
C HIS B 102 9.64 2.12 -1.62
N PHE B 103 10.91 2.05 -1.99
CA PHE B 103 11.64 3.14 -2.63
C PHE B 103 12.89 2.59 -3.34
N ALA B 104 13.50 3.36 -4.23
CA ALA B 104 14.64 2.88 -5.00
C ALA B 104 15.62 3.90 -5.54
N VAL B 105 16.80 3.40 -5.90
CA VAL B 105 17.84 4.18 -6.61
C VAL B 105 17.75 3.79 -8.09
N SER B 106 17.73 4.79 -8.99
CA SER B 106 17.61 4.57 -10.44
C SER B 106 18.81 5.19 -11.16
N ILE B 107 19.54 4.40 -11.97
CA ILE B 107 20.67 4.90 -12.78
C ILE B 107 20.58 4.38 -14.22
N ALA B 108 20.58 5.28 -15.21
CA ALA B 108 20.60 4.91 -16.63
C ALA B 108 21.86 5.51 -17.27
N VAL B 109 22.46 4.81 -18.24
CA VAL B 109 23.58 5.38 -19.02
C VAL B 109 23.16 5.45 -20.49
N ARG B 110 23.24 6.64 -21.09
CA ARG B 110 22.88 6.87 -22.50
C ARG B 110 24.11 7.20 -23.33
N ILE B 111 24.18 6.64 -24.55
CA ILE B 111 25.25 6.97 -25.51
C ILE B 111 24.57 7.60 -26.72
N LYS B 112 24.86 8.85 -27.01
CA LYS B 112 24.19 9.54 -28.11
C LYS B 112 22.68 9.59 -27.97
N GLY B 113 22.22 9.72 -26.75
CA GLY B 113 20.82 9.83 -26.50
C GLY B 113 20.06 8.52 -26.45
N ARG B 114 20.73 7.40 -26.61
CA ARG B 114 20.11 6.10 -26.55
C ARG B 114 20.56 5.29 -25.33
N THR B 115 19.62 4.81 -24.56
CA THR B 115 19.96 4.07 -23.36
C THR B 115 20.69 2.78 -23.65
N GLU B 116 21.77 2.54 -22.93
N GLU B 116 21.80 2.56 -22.96
CA GLU B 116 22.56 1.31 -23.14
CA GLU B 116 22.66 1.39 -23.12
C GLU B 116 22.66 0.39 -21.92
C GLU B 116 22.65 0.44 -21.94
N VAL B 117 22.68 0.93 -20.68
CA VAL B 117 22.63 0.08 -19.49
C VAL B 117 21.70 0.76 -18.47
N ALA B 118 21.13 -0.07 -17.57
CA ALA B 118 20.14 0.43 -16.60
C ALA B 118 20.18 -0.39 -15.30
N VAL B 119 19.98 0.30 -14.16
CA VAL B 119 19.87 -0.31 -12.83
C VAL B 119 18.71 0.34 -12.07
N VAL B 120 17.80 -0.46 -11.49
CA VAL B 120 16.83 0.00 -10.47
C VAL B 120 17.03 -0.88 -9.22
N TYR B 121 17.39 -0.28 -8.08
CA TYR B 121 17.77 -1.06 -6.88
C TYR B 121 16.88 -0.72 -5.69
N ASP B 122 16.18 -1.74 -5.13
CA ASP B 122 15.36 -1.66 -3.90
C ASP B 122 16.23 -2.09 -2.73
N PRO B 123 16.72 -1.15 -1.88
CA PRO B 123 17.63 -1.54 -0.78
C PRO B 123 16.94 -2.19 0.41
N MET B 124 15.61 -2.09 0.53
CA MET B 124 14.93 -2.76 1.63
C MET B 124 14.68 -4.24 1.36
N ARG B 125 14.33 -4.61 0.13
CA ARG B 125 14.18 -6.04 -0.22
C ARG B 125 15.48 -6.64 -0.78
N ASN B 126 16.50 -5.83 -0.99
CA ASN B 126 17.73 -6.25 -1.70
C ASN B 126 17.39 -6.85 -3.07
N GLU B 127 16.63 -6.10 -3.89
CA GLU B 127 16.24 -6.51 -5.24
C GLU B 127 16.93 -5.61 -6.27
N LEU B 128 17.86 -6.21 -7.06
CA LEU B 128 18.67 -5.50 -8.06
C LEU B 128 18.16 -5.82 -9.47
N PHE B 129 17.46 -4.87 -10.09
CA PHE B 129 16.99 -5.01 -11.47
C PHE B 129 18.01 -4.38 -12.43
N THR B 130 18.48 -5.15 -13.43
CA THR B 130 19.51 -4.67 -14.37
C THR B 130 19.09 -4.97 -15.81
N ALA B 131 19.65 -4.21 -16.76
CA ALA B 131 19.46 -4.51 -18.17
C ALA B 131 20.65 -3.96 -18.96
N THR B 132 20.98 -4.64 -20.06
CA THR B 132 22.01 -4.24 -21.03
C THR B 132 21.39 -4.31 -22.42
N ARG B 133 21.51 -3.24 -23.22
CA ARG B 133 20.82 -3.22 -24.50
C ARG B 133 21.24 -4.40 -25.38
N GLY B 134 20.25 -5.12 -25.91
CA GLY B 134 20.49 -6.32 -26.71
C GLY B 134 20.80 -7.58 -25.94
N GLN B 135 20.94 -7.52 -24.62
N GLN B 135 20.91 -7.52 -24.62
CA GLN B 135 21.30 -8.69 -23.83
CA GLN B 135 21.28 -8.72 -23.86
C GLN B 135 20.25 -9.14 -22.82
C GLN B 135 20.25 -9.13 -22.80
N GLY B 136 19.11 -8.44 -22.71
CA GLY B 136 18.04 -8.84 -21.78
C GLY B 136 18.06 -8.04 -20.49
N ALA B 137 17.04 -8.31 -19.65
CA ALA B 137 16.90 -7.77 -18.30
C ALA B 137 16.88 -8.89 -17.26
N GLN B 138 17.29 -8.57 -16.02
CA GLN B 138 17.45 -9.52 -14.92
C GLN B 138 16.94 -8.95 -13.60
N LEU B 139 16.45 -9.84 -12.72
CA LEU B 139 16.30 -9.56 -11.30
C LEU B 139 17.20 -10.50 -10.52
N ASN B 140 18.15 -9.92 -9.79
CA ASN B 140 19.15 -10.67 -9.00
C ASN B 140 19.81 -11.78 -9.84
N GLY B 141 20.11 -11.47 -11.10
CA GLY B 141 20.71 -12.46 -11.99
C GLY B 141 19.77 -13.36 -12.78
N TYR B 142 18.45 -13.37 -12.50
CA TYR B 142 17.47 -14.18 -13.24
C TYR B 142 16.79 -13.38 -14.36
N ARG B 143 16.68 -13.98 -15.54
CA ARG B 143 16.20 -13.26 -16.72
C ARG B 143 14.70 -12.97 -16.66
N LEU B 144 14.31 -11.75 -17.04
CA LEU B 144 12.92 -11.30 -16.97
C LEU B 144 12.24 -11.44 -18.33
N ARG B 145 10.93 -11.76 -18.34
N ARG B 145 10.94 -11.77 -18.29
CA ARG B 145 10.21 -11.85 -19.62
CA ARG B 145 10.18 -11.99 -19.52
C ARG B 145 8.87 -11.12 -19.66
C ARG B 145 8.79 -11.36 -19.53
N GLY B 146 8.47 -10.43 -18.62
CA GLY B 146 7.23 -9.68 -18.72
C GLY B 146 5.97 -10.53 -18.49
N SER B 147 4.82 -9.91 -18.73
CA SER B 147 3.49 -10.52 -18.63
C SER B 147 3.07 -11.12 -19.98
N THR B 148 2.23 -12.17 -19.93
CA THR B 148 1.74 -12.82 -21.14
C THR B 148 0.27 -12.50 -21.45
N ALA B 149 -0.30 -11.47 -20.82
CA ALA B 149 -1.68 -11.09 -21.13
C ALA B 149 -1.86 -10.71 -22.60
N ARG B 150 -2.98 -11.09 -23.18
CA ARG B 150 -3.29 -10.81 -24.59
C ARG B 150 -4.27 -9.69 -24.82
N ASP B 151 -4.92 -9.23 -23.76
CA ASP B 151 -5.79 -8.05 -23.79
C ASP B 151 -5.98 -7.59 -22.34
N LEU B 152 -6.97 -6.72 -22.10
CA LEU B 152 -7.11 -6.18 -20.74
C LEU B 152 -7.86 -7.10 -19.78
N ASP B 153 -8.50 -8.18 -20.24
CA ASP B 153 -9.31 -8.99 -19.31
C ASP B 153 -8.43 -9.61 -18.21
N GLY B 154 -8.83 -9.42 -16.95
CA GLY B 154 -8.05 -9.93 -15.83
C GLY B 154 -6.76 -9.17 -15.46
N THR B 155 -6.42 -8.08 -16.16
CA THR B 155 -5.10 -7.48 -15.91
C THR B 155 -5.06 -6.57 -14.66
N ILE B 156 -3.83 -6.39 -14.16
CA ILE B 156 -3.50 -5.51 -13.03
C ILE B 156 -2.61 -4.39 -13.56
N LEU B 157 -3.09 -3.13 -13.50
CA LEU B 157 -2.33 -1.99 -14.08
C LEU B 157 -1.75 -1.11 -12.98
N ALA B 158 -0.42 -0.97 -12.94
CA ALA B 158 0.24 0.01 -12.07
C ALA B 158 0.02 1.42 -12.60
N THR B 159 -0.01 2.41 -11.68
CA THR B 159 -0.27 3.79 -12.07
C THR B 159 0.20 4.75 -10.97
N GLY B 160 0.35 6.03 -11.33
CA GLY B 160 0.51 7.10 -10.35
C GLY B 160 -0.55 8.18 -10.54
N PHE B 161 -1.02 8.76 -9.43
CA PHE B 161 -1.94 9.90 -9.48
C PHE B 161 -1.16 11.20 -9.73
N PRO B 162 -1.77 12.19 -10.41
CA PRO B 162 -1.05 13.46 -10.72
C PRO B 162 -0.94 14.40 -9.51
N PHE B 163 -0.30 13.91 -8.43
CA PHE B 163 -0.33 14.63 -7.17
C PHE B 163 0.50 15.88 -7.20
N LYS B 164 1.39 16.03 -8.18
CA LYS B 164 2.16 17.25 -8.36
C LYS B 164 1.64 18.13 -9.49
N ALA B 165 0.54 17.74 -10.14
CA ALA B 165 0.01 18.50 -11.27
C ALA B 165 -1.50 18.30 -11.33
N LYS B 166 -2.21 18.80 -10.31
CA LYS B 166 -3.62 18.46 -10.17
C LYS B 166 -4.53 19.15 -11.17
N GLN B 167 -4.00 20.02 -12.05
CA GLN B 167 -4.80 20.49 -13.16
C GLN B 167 -5.26 19.33 -14.04
N TYR B 168 -4.60 18.17 -13.95
CA TYR B 168 -4.98 16.99 -14.72
C TYR B 168 -5.94 16.06 -13.99
N ALA B 169 -6.43 16.43 -12.81
CA ALA B 169 -7.16 15.47 -11.95
C ALA B 169 -8.43 14.93 -12.62
N THR B 170 -9.27 15.80 -13.19
CA THR B 170 -10.54 15.30 -13.74
C THR B 170 -10.31 14.34 -14.89
N THR B 171 -9.42 14.69 -15.81
CA THR B 171 -9.13 13.80 -16.93
C THR B 171 -8.54 12.47 -16.45
N TYR B 172 -7.62 12.52 -15.47
CA TYR B 172 -6.99 11.29 -14.97
C TYR B 172 -8.03 10.34 -14.38
N ILE B 173 -8.91 10.87 -13.52
CA ILE B 173 -9.95 10.04 -12.90
C ILE B 173 -10.86 9.42 -13.96
N ASN B 174 -11.20 10.18 -15.01
CA ASN B 174 -12.01 9.62 -16.10
C ASN B 174 -11.28 8.49 -16.81
N ILE B 175 -9.97 8.63 -17.05
CA ILE B 175 -9.19 7.55 -17.67
C ILE B 175 -9.19 6.30 -16.79
N VAL B 176 -9.03 6.46 -15.47
CA VAL B 176 -9.01 5.31 -14.57
C VAL B 176 -10.37 4.59 -14.61
N GLY B 177 -11.47 5.36 -14.54
CA GLY B 177 -12.79 4.72 -14.51
C GLY B 177 -13.08 3.96 -15.79
N LYS B 178 -12.65 4.51 -16.93
CA LYS B 178 -12.89 3.86 -18.21
C LYS B 178 -12.03 2.60 -18.36
N LEU B 179 -10.76 2.65 -17.91
CA LEU B 179 -9.93 1.45 -17.93
C LEU B 179 -10.53 0.35 -17.03
N PHE B 180 -11.12 0.74 -15.89
CA PHE B 180 -11.70 -0.24 -14.94
C PHE B 180 -12.91 -0.98 -15.54
N ASN B 181 -13.53 -0.45 -16.61
CA ASN B 181 -14.55 -1.22 -17.31
C ASN B 181 -14.00 -2.50 -17.94
N GLU B 182 -12.71 -2.53 -18.28
CA GLU B 182 -12.11 -3.70 -18.91
C GLU B 182 -11.08 -4.43 -18.05
N CYS B 183 -10.19 -3.70 -17.35
CA CYS B 183 -9.20 -4.42 -16.53
C CYS B 183 -9.80 -4.88 -15.19
N ALA B 184 -9.00 -5.67 -14.45
CA ALA B 184 -9.47 -6.21 -13.16
C ALA B 184 -9.24 -5.25 -11.99
N ASP B 185 -8.06 -4.60 -11.91
CA ASP B 185 -7.64 -3.88 -10.69
C ASP B 185 -6.42 -3.01 -11.03
N PHE B 186 -5.99 -2.22 -10.04
CA PHE B 186 -4.82 -1.32 -10.18
C PHE B 186 -3.86 -1.54 -8.99
N ARG B 187 -2.60 -1.07 -9.16
CA ARG B 187 -1.66 -0.96 -8.05
C ARG B 187 -1.13 0.46 -8.07
N ARG B 188 -1.03 1.09 -6.89
CA ARG B 188 -0.46 2.43 -6.75
C ARG B 188 0.54 2.32 -5.60
N THR B 189 1.86 2.27 -5.93
CA THR B 189 2.89 1.91 -4.93
C THR B 189 3.69 3.09 -4.41
N GLY B 190 3.80 4.15 -5.21
CA GLY B 190 4.60 5.29 -4.88
C GLY B 190 6.07 5.23 -5.31
N SER B 191 6.48 4.28 -6.17
CA SER B 191 7.79 4.39 -6.86
C SER B 191 7.61 4.05 -8.34
N ALA B 192 7.72 5.07 -9.20
CA ALA B 192 7.57 4.85 -10.65
C ALA B 192 8.68 3.96 -11.20
N ALA B 193 9.92 4.14 -10.70
CA ALA B 193 11.01 3.26 -11.16
C ALA B 193 10.72 1.80 -10.83
N LEU B 194 10.19 1.51 -9.63
CA LEU B 194 9.86 0.12 -9.31
C LEU B 194 8.59 -0.33 -10.04
N ASP B 195 7.65 0.59 -10.35
CA ASP B 195 6.46 0.19 -11.13
C ASP B 195 6.89 -0.31 -12.52
N LEU B 196 7.86 0.37 -13.14
CA LEU B 196 8.33 -0.09 -14.44
C LEU B 196 9.14 -1.38 -14.33
N ALA B 197 9.98 -1.53 -13.31
CA ALA B 197 10.63 -2.82 -13.04
C ALA B 197 9.58 -3.95 -12.86
N TYR B 198 8.45 -3.65 -12.22
CA TYR B 198 7.44 -4.71 -12.00
C TYR B 198 6.71 -5.10 -13.30
N VAL B 199 6.54 -4.14 -14.23
CA VAL B 199 6.06 -4.47 -15.59
C VAL B 199 7.05 -5.43 -16.25
N ALA B 200 8.35 -5.12 -16.20
CA ALA B 200 9.36 -5.99 -16.81
C ALA B 200 9.35 -7.41 -16.23
N ALA B 201 9.12 -7.52 -14.92
CA ALA B 201 9.11 -8.82 -14.21
C ALA B 201 7.77 -9.55 -14.28
N GLY B 202 6.74 -8.94 -14.85
CA GLY B 202 5.41 -9.54 -14.90
C GLY B 202 4.64 -9.52 -13.58
N ARG B 203 5.10 -8.73 -12.58
CA ARG B 203 4.38 -8.59 -11.30
C ARG B 203 3.11 -7.77 -11.45
N VAL B 204 3.07 -6.87 -12.45
CA VAL B 204 1.85 -6.24 -12.97
C VAL B 204 1.88 -6.39 -14.49
N ASP B 205 0.72 -6.12 -15.13
CA ASP B 205 0.62 -6.30 -16.58
C ASP B 205 0.84 -5.01 -17.40
N GLY B 206 0.78 -3.81 -16.79
CA GLY B 206 1.04 -2.60 -17.57
C GLY B 206 1.18 -1.42 -16.61
N PHE B 207 1.51 -0.24 -17.17
CA PHE B 207 1.70 0.98 -16.36
C PHE B 207 1.25 2.21 -17.13
N PHE B 208 0.67 3.21 -16.42
CA PHE B 208 0.41 4.52 -17.06
C PHE B 208 0.53 5.65 -16.03
N GLU B 209 1.09 6.79 -16.45
CA GLU B 209 1.19 7.94 -15.55
C GLU B 209 1.42 9.22 -16.37
N ILE B 210 0.87 10.35 -15.87
CA ILE B 210 1.02 11.68 -16.51
C ILE B 210 2.26 12.41 -15.97
N GLY B 211 3.05 12.97 -16.88
CA GLY B 211 4.07 13.98 -16.53
C GLY B 211 5.25 13.55 -15.67
N LEU B 212 5.81 12.37 -15.93
CA LEU B 212 7.02 11.96 -15.20
C LEU B 212 8.24 12.77 -15.69
N ARG B 213 9.29 12.89 -14.80
CA ARG B 213 10.53 13.55 -15.19
C ARG B 213 11.50 12.54 -15.81
N PRO B 214 12.54 12.98 -16.54
CA PRO B 214 13.38 12.00 -17.27
C PRO B 214 14.07 10.94 -16.41
N TRP B 215 14.58 11.30 -15.21
CA TRP B 215 15.25 10.32 -14.35
C TRP B 215 14.27 9.38 -13.68
N ASP B 216 12.96 9.71 -13.69
CA ASP B 216 11.94 8.80 -13.16
C ASP B 216 11.85 7.52 -13.98
N PHE B 217 11.96 7.63 -15.32
CA PHE B 217 11.72 6.49 -16.21
C PHE B 217 12.89 6.09 -17.11
N ALA B 218 14.03 6.79 -17.09
CA ALA B 218 15.09 6.41 -18.04
C ALA B 218 15.57 4.97 -17.83
N ALA B 219 15.78 4.55 -16.59
CA ALA B 219 16.25 3.17 -16.40
C ALA B 219 15.10 2.17 -16.58
N GLY B 220 13.93 2.46 -16.02
CA GLY B 220 12.80 1.53 -16.13
C GLY B 220 12.36 1.27 -17.57
N GLU B 221 12.52 2.26 -18.46
CA GLU B 221 12.20 2.04 -19.87
C GLU B 221 13.05 0.91 -20.48
N LEU B 222 14.36 0.90 -20.22
CA LEU B 222 15.18 -0.18 -20.80
C LEU B 222 14.87 -1.54 -20.16
N LEU B 223 14.51 -1.58 -18.86
CA LEU B 223 14.08 -2.85 -18.30
C LEU B 223 12.88 -3.41 -19.07
N VAL B 224 11.88 -2.55 -19.33
CA VAL B 224 10.65 -2.99 -20.00
C VAL B 224 10.94 -3.48 -21.42
N ARG B 225 11.77 -2.72 -22.15
CA ARG B 225 12.07 -3.06 -23.54
C ARG B 225 12.88 -4.34 -23.64
N GLU B 226 13.86 -4.55 -22.76
CA GLU B 226 14.65 -5.76 -22.83
C GLU B 226 13.89 -7.01 -22.34
N ALA B 227 12.74 -6.84 -21.70
CA ALA B 227 11.90 -7.97 -21.31
C ALA B 227 10.73 -8.20 -22.25
N GLY B 228 10.78 -7.63 -23.46
CA GLY B 228 9.76 -7.86 -24.48
C GLY B 228 8.66 -6.82 -24.60
N GLY B 229 8.74 -5.69 -23.90
CA GLY B 229 7.68 -4.72 -23.89
C GLY B 229 8.03 -3.47 -24.68
N ILE B 230 7.04 -2.56 -24.73
CA ILE B 230 7.21 -1.28 -25.41
C ILE B 230 6.73 -0.15 -24.49
N VAL B 231 7.16 1.07 -24.83
CA VAL B 231 6.79 2.31 -24.14
C VAL B 231 6.31 3.33 -25.17
N SER B 232 5.20 4.03 -24.86
CA SER B 232 4.67 5.07 -25.75
C SER B 232 4.05 6.20 -24.93
N ASP B 233 3.66 7.28 -25.62
CA ASP B 233 2.86 8.33 -24.99
C ASP B 233 1.37 7.94 -25.08
N PHE B 234 0.50 8.83 -24.59
CA PHE B 234 -0.92 8.45 -24.44
C PHE B 234 -1.66 8.34 -25.77
N THR B 235 -1.07 8.76 -26.90
CA THR B 235 -1.68 8.54 -28.21
C THR B 235 -0.96 7.49 -29.04
N GLY B 236 0.01 6.79 -28.46
CA GLY B 236 0.76 5.78 -29.18
C GLY B 236 2.00 6.27 -29.88
N GLY B 237 2.38 7.54 -29.70
CA GLY B 237 3.55 8.11 -30.33
C GLY B 237 4.79 8.12 -29.44
N HIS B 238 5.81 8.87 -29.89
CA HIS B 238 7.13 8.91 -29.28
C HIS B 238 7.36 10.12 -28.39
N ASN B 239 6.36 10.97 -28.18
CA ASN B 239 6.56 12.24 -27.49
C ASN B 239 6.72 12.10 -25.97
N TYR B 240 6.58 10.88 -25.41
CA TYR B 240 6.81 10.69 -23.98
C TYR B 240 8.20 11.15 -23.57
N MET B 241 9.15 11.15 -24.52
CA MET B 241 10.50 11.64 -24.23
C MET B 241 10.49 13.12 -23.87
N LEU B 242 9.48 13.87 -24.31
CA LEU B 242 9.37 15.30 -24.04
C LEU B 242 8.32 15.65 -22.99
N THR B 243 7.24 14.86 -22.87
CA THR B 243 6.14 15.19 -21.96
C THR B 243 6.13 14.36 -20.69
N GLY B 244 6.75 13.20 -20.71
CA GLY B 244 6.67 12.29 -19.58
C GLY B 244 5.35 11.59 -19.38
N ASN B 245 4.41 11.71 -20.34
CA ASN B 245 3.13 10.95 -20.32
C ASN B 245 3.42 9.56 -20.87
N ILE B 246 3.45 8.54 -19.98
CA ILE B 246 4.04 7.22 -20.23
C ILE B 246 2.95 6.15 -20.18
N VAL B 247 2.96 5.23 -21.18
CA VAL B 247 2.21 3.96 -21.16
C VAL B 247 3.21 2.85 -21.46
N ALA B 248 3.21 1.74 -20.68
CA ALA B 248 4.21 0.70 -20.83
C ALA B 248 3.62 -0.70 -20.58
N GLY B 249 4.11 -1.68 -21.34
CA GLY B 249 3.65 -3.06 -21.21
C GLY B 249 3.99 -3.85 -22.47
N ASN B 250 3.51 -5.12 -22.53
CA ASN B 250 3.74 -5.87 -23.78
C ASN B 250 2.88 -5.27 -24.91
N PRO B 251 3.18 -5.60 -26.18
CA PRO B 251 2.52 -4.88 -27.27
C PRO B 251 1.00 -5.02 -27.30
N ARG B 252 0.43 -6.17 -26.88
CA ARG B 252 -1.01 -6.32 -26.95
C ARG B 252 -1.69 -5.59 -25.79
N VAL B 253 -1.09 -5.58 -24.60
CA VAL B 253 -1.65 -4.78 -23.49
C VAL B 253 -1.61 -3.29 -23.84
N VAL B 254 -0.48 -2.81 -24.36
CA VAL B 254 -0.40 -1.39 -24.68
C VAL B 254 -1.41 -1.01 -25.77
N LYS B 255 -1.56 -1.84 -26.81
CA LYS B 255 -2.56 -1.55 -27.84
C LYS B 255 -3.97 -1.45 -27.24
N ALA B 256 -4.32 -2.35 -26.30
CA ALA B 256 -5.66 -2.35 -25.70
C ALA B 256 -5.86 -1.15 -24.76
N MET B 257 -4.83 -0.80 -23.98
CA MET B 257 -4.91 0.42 -23.14
C MET B 257 -5.17 1.65 -24.02
N LEU B 258 -4.41 1.82 -25.10
CA LEU B 258 -4.54 3.01 -25.93
C LEU B 258 -5.92 3.08 -26.59
N ALA B 259 -6.47 1.93 -26.99
CA ALA B 259 -7.80 1.94 -27.60
C ALA B 259 -8.88 2.35 -26.60
N ASN B 260 -8.72 1.89 -25.34
CA ASN B 260 -9.66 2.26 -24.26
C ASN B 260 -9.56 3.76 -23.95
N MET B 261 -8.33 4.30 -23.88
CA MET B 261 -8.10 5.66 -23.41
C MET B 261 -8.46 6.71 -24.45
N ARG B 262 -8.50 6.34 -25.73
N ARG B 262 -8.50 6.34 -25.73
CA ARG B 262 -8.47 7.31 -26.83
CA ARG B 262 -8.47 7.31 -26.83
C ARG B 262 -9.53 8.41 -26.67
C ARG B 262 -9.53 8.40 -26.66
N ASP B 263 -10.78 8.02 -26.43
CA ASP B 263 -11.87 8.99 -26.38
C ASP B 263 -11.98 9.74 -25.06
N GLU B 264 -11.17 9.43 -24.04
CA GLU B 264 -11.16 10.21 -22.81
C GLU B 264 -10.04 11.23 -22.75
N LEU B 265 -9.21 11.33 -23.79
CA LEU B 265 -8.04 12.19 -23.70
C LEU B 265 -8.45 13.65 -23.82
N SER B 266 -7.82 14.50 -23.00
CA SER B 266 -7.95 15.94 -23.14
C SER B 266 -6.97 16.46 -24.18
N ASP B 267 -7.17 17.72 -24.61
CA ASP B 267 -6.27 18.29 -25.59
C ASP B 267 -4.83 18.31 -25.08
N ALA B 268 -4.62 18.69 -23.81
CA ALA B 268 -3.28 18.76 -23.25
C ALA B 268 -2.55 17.40 -23.30
N LEU B 269 -3.29 16.29 -23.18
CA LEU B 269 -2.69 14.97 -23.23
C LEU B 269 -2.53 14.43 -24.65
N LYS B 270 -2.93 15.21 -25.66
CA LYS B 270 -2.89 14.78 -27.07
C LYS B 270 -1.63 15.26 -27.79
N ASN C 5 -14.48 17.13 37.17
CA ASN C 5 -14.70 16.61 35.83
C ASN C 5 -16.20 16.48 35.52
N LYS C 6 -16.72 17.51 34.86
CA LYS C 6 -18.13 17.78 34.62
C LYS C 6 -18.46 17.69 33.12
N PRO C 7 -19.68 17.29 32.77
CA PRO C 7 -20.08 17.28 31.35
C PRO C 7 -20.59 18.61 30.83
N ALA C 8 -20.45 18.78 29.52
CA ALA C 8 -20.98 19.93 28.80
C ALA C 8 -22.48 19.76 28.48
N ASP C 9 -23.13 20.88 28.17
CA ASP C 9 -24.57 20.86 27.93
C ASP C 9 -24.96 20.02 26.70
N ASP C 10 -24.11 19.97 25.67
CA ASP C 10 -24.52 19.20 24.51
C ASP C 10 -24.56 17.70 24.81
N LEU C 11 -23.76 17.24 25.78
CA LEU C 11 -23.81 15.84 26.17
C LEU C 11 -24.98 15.57 27.12
N LEU C 12 -25.16 16.45 28.12
CA LEU C 12 -26.27 16.30 29.07
C LEU C 12 -27.63 16.30 28.36
N ASN C 13 -27.73 17.01 27.24
CA ASN C 13 -28.98 17.12 26.51
C ASN C 13 -29.20 16.02 25.46
N LEU C 14 -28.29 15.05 25.33
CA LEU C 14 -28.43 14.02 24.32
C LEU C 14 -29.41 12.95 24.82
N GLU C 15 -30.34 12.57 23.95
CA GLU C 15 -31.41 11.65 24.33
C GLU C 15 -30.85 10.29 24.74
N GLY C 16 -31.29 9.80 25.89
CA GLY C 16 -30.81 8.54 26.41
C GLY C 16 -29.67 8.66 27.41
N VAL C 17 -29.08 9.85 27.54
CA VAL C 17 -28.07 10.10 28.55
C VAL C 17 -28.76 10.68 29.79
N ASP C 18 -28.72 9.95 30.89
CA ASP C 18 -29.17 10.50 32.15
C ASP C 18 -28.01 11.24 32.81
N ARG C 19 -28.34 12.02 33.85
CA ARG C 19 -27.32 12.82 34.53
C ARG C 19 -26.22 11.92 35.09
N ASP C 20 -26.61 10.75 35.63
CA ASP C 20 -25.64 9.79 36.14
C ASP C 20 -24.65 9.36 35.05
N LEU C 21 -25.17 8.90 33.91
CA LEU C 21 -24.31 8.46 32.82
C LEU C 21 -23.43 9.60 32.31
N ALA C 22 -23.99 10.79 32.14
CA ALA C 22 -23.21 11.96 31.74
C ALA C 22 -21.98 12.13 32.64
N PHE C 23 -22.18 12.04 33.95
CA PHE C 23 -21.04 12.24 34.86
C PHE C 23 -20.08 11.05 34.83
N LYS C 24 -20.58 9.83 34.61
CA LYS C 24 -19.70 8.67 34.42
C LYS C 24 -18.84 8.81 33.18
N LEU C 25 -19.41 9.32 32.07
CA LEU C 25 -18.61 9.56 30.89
C LEU C 25 -17.54 10.61 31.16
N ALA C 26 -17.93 11.76 31.73
CA ALA C 26 -16.96 12.82 32.02
C ALA C 26 -15.83 12.32 32.91
N ALA C 27 -16.09 11.33 33.76
CA ALA C 27 -15.05 10.77 34.61
C ALA C 27 -13.93 10.13 33.79
N ARG C 28 -14.27 9.56 32.64
CA ARG C 28 -13.31 8.94 31.72
C ARG C 28 -12.74 9.92 30.71
N GLY C 29 -12.98 11.21 30.87
CA GLY C 29 -12.53 12.20 29.91
C GLY C 29 -13.43 12.42 28.72
N VAL C 30 -14.61 11.81 28.71
CA VAL C 30 -15.58 12.03 27.63
C VAL C 30 -16.55 13.10 28.09
N CYS C 31 -16.17 14.37 27.91
CA CYS C 31 -16.87 15.46 28.57
C CYS C 31 -17.81 16.24 27.67
N THR C 32 -17.68 16.11 26.35
CA THR C 32 -18.55 16.82 25.42
C THR C 32 -19.12 15.84 24.40
N LEU C 33 -20.14 16.30 23.67
CA LEU C 33 -20.73 15.49 22.61
C LEU C 33 -19.69 15.15 21.54
N GLU C 34 -18.83 16.12 21.18
CA GLU C 34 -17.81 15.85 20.17
C GLU C 34 -16.81 14.79 20.65
N ASP C 35 -16.50 14.79 21.96
CA ASP C 35 -15.64 13.74 22.52
C ASP C 35 -16.32 12.39 22.43
N LEU C 36 -17.65 12.36 22.61
CA LEU C 36 -18.35 11.06 22.56
C LEU C 36 -18.32 10.50 21.14
N ALA C 37 -18.47 11.36 20.14
CA ALA C 37 -18.40 10.92 18.74
C ALA C 37 -17.07 10.24 18.40
N GLU C 38 -16.00 10.61 19.12
CA GLU C 38 -14.65 10.13 18.82
C GLU C 38 -14.34 8.78 19.47
N GLN C 39 -15.25 8.25 20.30
CA GLN C 39 -15.02 7.01 21.02
C GLN C 39 -15.36 5.79 20.16
N GLY C 40 -14.73 4.64 20.50
CA GLY C 40 -15.20 3.36 20.04
C GLY C 40 -16.01 2.67 21.13
N ILE C 41 -16.82 1.68 20.74
CA ILE C 41 -17.64 0.94 21.72
C ILE C 41 -16.78 0.37 22.84
N ASP C 42 -15.60 -0.14 22.49
CA ASP C 42 -14.64 -0.65 23.47
C ASP C 42 -14.24 0.39 24.52
N ASP C 43 -14.22 1.67 24.15
CA ASP C 43 -13.84 2.70 25.11
C ASP C 43 -14.88 2.89 26.20
N LEU C 44 -16.12 2.45 25.97
CA LEU C 44 -17.22 2.63 26.90
C LEU C 44 -17.56 1.34 27.66
N ALA C 45 -16.74 0.30 27.54
CA ALA C 45 -17.03 -0.96 28.20
C ALA C 45 -16.93 -0.83 29.71
N ASP C 46 -17.62 -1.74 30.41
CA ASP C 46 -17.61 -1.78 31.89
C ASP C 46 -18.12 -0.47 32.49
N ILE C 47 -19.22 0.04 31.94
CA ILE C 47 -19.96 1.16 32.53
C ILE C 47 -21.24 0.57 33.10
N GLU C 48 -21.38 0.65 34.42
CA GLU C 48 -22.56 0.09 35.09
C GLU C 48 -23.83 0.60 34.45
N GLY C 49 -24.63 -0.33 33.93
CA GLY C 49 -25.92 -0.01 33.35
C GLY C 49 -25.91 0.26 31.86
N LEU C 50 -24.74 0.33 31.22
CA LEU C 50 -24.63 0.69 29.82
C LEU C 50 -24.30 -0.56 29.02
N THR C 51 -25.25 -1.01 28.21
CA THR C 51 -25.03 -2.11 27.30
C THR C 51 -24.18 -1.66 26.11
N ASP C 52 -23.54 -2.64 25.45
CA ASP C 52 -22.81 -2.33 24.22
C ASP C 52 -23.74 -1.84 23.13
N GLU C 53 -24.99 -2.32 23.11
N GLU C 53 -24.98 -2.32 23.10
CA GLU C 53 -25.96 -1.88 22.12
CA GLU C 53 -25.93 -1.85 22.09
C GLU C 53 -26.34 -0.42 22.33
C GLU C 53 -26.29 -0.38 22.32
N LYS C 54 -26.43 0.02 23.58
CA LYS C 54 -26.72 1.44 23.85
C LYS C 54 -25.48 2.30 23.63
N ALA C 55 -24.30 1.78 23.99
CA ALA C 55 -23.07 2.53 23.73
C ALA C 55 -22.96 2.88 22.25
N GLY C 56 -23.28 1.94 21.38
CA GLY C 56 -23.17 2.17 19.95
C GLY C 56 -24.19 3.17 19.45
N ALA C 57 -25.43 3.10 19.96
CA ALA C 57 -26.46 4.04 19.55
C ALA C 57 -26.12 5.47 19.98
N LEU C 58 -25.52 5.63 21.17
CA LEU C 58 -25.14 6.97 21.62
C LEU C 58 -24.01 7.55 20.76
N ILE C 59 -22.99 6.74 20.45
CA ILE C 59 -21.87 7.23 19.63
C ILE C 59 -22.34 7.59 18.23
N MET C 60 -23.20 6.77 17.64
CA MET C 60 -23.77 7.07 16.33
C MET C 60 -24.53 8.40 16.34
N ALA C 61 -25.37 8.62 17.37
CA ALA C 61 -26.13 9.87 17.44
C ALA C 61 -25.22 11.08 17.59
N ALA C 62 -24.17 10.95 18.40
CA ALA C 62 -23.19 12.04 18.52
C ALA C 62 -22.56 12.38 17.18
N ARG C 63 -22.21 11.36 16.37
CA ARG C 63 -21.62 11.64 15.06
C ARG C 63 -22.63 12.28 14.11
N ASN C 64 -23.89 11.82 14.14
CA ASN C 64 -24.89 12.43 13.25
C ASN C 64 -25.02 13.93 13.50
N ILE C 65 -24.98 14.33 14.77
CA ILE C 65 -25.12 15.75 15.11
C ILE C 65 -23.84 16.52 14.79
N CYS C 66 -22.69 16.01 15.25
CA CYS C 66 -21.45 16.79 15.19
C CYS C 66 -20.73 16.68 13.85
N TRP C 67 -20.75 15.51 13.21
CA TRP C 67 -20.00 15.29 11.98
C TRP C 67 -20.86 15.54 10.74
N PHE C 68 -22.14 15.20 10.80
CA PHE C 68 -22.98 15.27 9.62
C PHE C 68 -24.07 16.33 9.70
N GLY C 69 -24.09 17.13 10.78
CA GLY C 69 -24.92 18.31 10.85
C GLY C 69 -26.41 18.07 10.82
C1 GOL D . -6.81 -8.27 -0.79
O1 GOL D . -7.06 -7.99 0.58
C2 GOL D . -7.06 -6.98 -1.56
O2 GOL D . -6.22 -5.96 -1.13
C3 GOL D . -8.55 -6.60 -1.40
O3 GOL D . -8.81 -5.44 -2.23
C1 GOL E . 0.43 -28.18 5.14
O1 GOL E . -0.21 -28.20 3.92
C2 GOL E . 0.55 -29.63 5.61
O2 GOL E . -0.51 -30.40 5.20
C3 GOL E . 0.68 -29.57 7.16
O3 GOL E . -0.61 -29.45 7.69
MG MG F . -7.22 -15.07 1.31
O1 PE4 G . -20.73 -4.44 0.72
C1 PE4 G . -21.69 -3.93 -0.17
C2 PE4 G . -22.62 -2.93 0.54
O2 PE4 G . -22.81 -1.81 -0.27
C3 PE4 G . -21.68 -1.02 -0.50
C4 PE4 G . -22.06 0.45 -0.72
O3 PE4 G . -22.95 0.88 0.28
C5 PE4 G . -22.62 2.08 0.91
C6 PE4 G . -23.89 2.63 1.56
O4 PE4 G . -23.75 2.64 2.94
C1 GOL H . 7.48 8.59 -7.40
O1 GOL H . 8.10 7.94 -8.50
C2 GOL H . 5.90 8.37 -7.51
O2 GOL H . 5.55 7.01 -7.55
C3 GOL H . 5.41 9.16 -8.80
O3 GOL H . 3.98 9.03 -8.82
C1 GOL I . 38.16 11.60 -5.96
O1 GOL I . 39.34 11.53 -5.21
C2 GOL I . 38.54 11.72 -7.45
O2 GOL I . 39.26 10.60 -7.88
C3 GOL I . 37.19 11.88 -8.21
O3 GOL I . 36.48 12.93 -7.60
C1 GOL J . 15.79 4.74 -26.41
O1 GOL J . 17.11 4.77 -25.92
C2 GOL J . 15.11 6.08 -26.04
O2 GOL J . 13.74 6.10 -26.33
C3 GOL J . 15.39 6.26 -24.53
O3 GOL J . 14.53 7.27 -24.10
C1 GOL K . 28.55 -23.95 -15.03
O1 GOL K . 27.43 -23.25 -15.42
C2 GOL K . 28.72 -23.68 -13.54
O2 GOL K . 29.55 -22.58 -13.31
C3 GOL K . 29.30 -25.01 -13.00
O3 GOL K . 28.59 -25.32 -11.85
C1 GOL L . 4.89 -3.67 -2.53
C1 GOL L . 4.56 -2.17 -0.31
O1 GOL L . 6.30 -3.51 -2.74
O1 GOL L . 5.15 -3.46 -0.09
C2 GOL L . 4.23 -2.29 -2.50
C2 GOL L . 4.16 -2.04 -1.77
O2 GOL L . 4.33 -1.75 -1.18
O2 GOL L . 4.03 -3.34 -2.35
C3 GOL L . 2.77 -2.43 -2.89
C3 GOL L . 2.82 -1.31 -1.86
O3 GOL L . 2.20 -1.12 -3.06
O3 GOL L . 2.49 -1.08 -3.23
MG MG M . 13.85 11.25 -6.27
O1 PE4 N . 21.50 12.76 6.67
C1 PE4 N . 22.14 12.09 5.62
C2 PE4 N . 23.57 11.77 6.05
O2 PE4 N . 23.91 10.49 5.58
C3 PE4 N . 23.81 9.51 6.59
C4 PE4 N . 24.96 8.51 6.51
O3 PE4 N . 24.83 7.61 7.57
C1 GOL O . -8.28 6.73 21.27
O1 GOL O . -8.16 7.98 20.68
C2 GOL O . -9.81 6.41 21.32
O2 GOL O . -10.04 5.08 21.68
C3 GOL O . -10.33 6.75 19.90
O3 GOL O . -11.62 6.12 19.76
#